data_2LTZ
#
_entry.id   2LTZ
#
loop_
_entity.id
_entity.type
_entity.pdbx_description
1 polymer 'E3 ubiquitin-protein ligase SMURF2'
2 polymer 'Smad7 derived peptide'
#
loop_
_entity_poly.entity_id
_entity_poly.type
_entity_poly.pdbx_seq_one_letter_code
_entity_poly.pdbx_strand_id
1 'polypeptide(L)' GPLPPGWEIRNTATGRVYFVDHNNRTTQFTDPRLSAN A
2 'polypeptide(L)' ELESPPPPYSRYPMD B
#
# COMPACT_ATOMS: atom_id res chain seq x y z
N GLY A 1 -3.83 -15.48 -3.46
CA GLY A 1 -2.42 -15.12 -3.16
C GLY A 1 -2.22 -14.74 -1.70
N PRO A 2 -0.99 -14.40 -1.29
CA PRO A 2 -0.65 -14.07 0.10
C PRO A 2 -1.27 -12.76 0.57
N LEU A 3 -2.04 -12.12 -0.30
CA LEU A 3 -2.72 -10.88 0.03
C LEU A 3 -4.05 -11.18 0.73
N PRO A 4 -4.30 -10.54 1.88
CA PRO A 4 -5.58 -10.66 2.57
C PRO A 4 -6.70 -9.97 1.80
N PRO A 5 -7.90 -10.57 1.75
CA PRO A 5 -9.03 -10.05 0.93
C PRO A 5 -9.48 -8.64 1.33
N GLY A 6 -9.09 -8.23 2.52
CA GLY A 6 -9.44 -6.89 2.98
C GLY A 6 -8.40 -5.86 2.58
N TRP A 7 -7.24 -6.34 2.16
CA TRP A 7 -6.11 -5.48 1.84
C TRP A 7 -6.01 -5.24 0.34
N GLU A 8 -5.47 -4.08 -0.03
CA GLU A 8 -5.32 -3.74 -1.44
C GLU A 8 -3.87 -3.33 -1.73
N ILE A 9 -3.21 -4.04 -2.64
CA ILE A 9 -1.77 -3.90 -2.82
C ILE A 9 -1.38 -3.25 -4.15
N ARG A 10 -0.56 -2.21 -4.09
CA ARG A 10 0.13 -1.67 -5.26
C ARG A 10 1.52 -1.18 -4.88
N ASN A 11 2.44 -1.24 -5.84
CA ASN A 11 3.80 -0.74 -5.63
C ASN A 11 4.04 0.44 -6.57
N THR A 12 4.72 1.48 -6.09
CA THR A 12 5.01 2.65 -6.93
C THR A 12 6.34 2.46 -7.65
N ALA A 13 6.43 3.03 -8.85
CA ALA A 13 7.60 2.90 -9.71
C ALA A 13 8.86 3.46 -9.03
N THR A 14 8.66 4.24 -7.97
CA THR A 14 9.77 4.76 -7.19
C THR A 14 10.44 3.63 -6.39
N GLY A 15 9.74 2.51 -6.27
CA GLY A 15 10.26 1.39 -5.52
C GLY A 15 9.76 1.38 -4.08
N ARG A 16 8.49 1.72 -3.90
CA ARG A 16 7.90 1.77 -2.57
C ARG A 16 6.52 1.15 -2.59
N VAL A 17 6.19 0.34 -1.59
CA VAL A 17 4.91 -0.35 -1.61
C VAL A 17 3.91 0.27 -0.62
N TYR A 18 2.69 0.49 -1.10
CA TYR A 18 1.65 1.16 -0.38
C TYR A 18 0.38 0.33 -0.52
N PHE A 19 -0.10 -0.20 0.59
CA PHE A 19 -1.30 -0.99 0.58
C PHE A 19 -2.46 -0.12 1.02
N VAL A 20 -3.44 0.05 0.18
CA VAL A 20 -4.58 0.85 0.57
C VAL A 20 -5.62 -0.06 1.23
N ASP A 21 -6.02 0.26 2.46
CA ASP A 21 -7.02 -0.51 3.13
C ASP A 21 -8.37 0.06 2.78
N HIS A 22 -9.24 -0.75 2.22
CA HIS A 22 -10.61 -0.31 1.96
C HIS A 22 -11.37 -0.25 3.28
N ASN A 23 -10.79 -0.88 4.31
CA ASN A 23 -11.35 -0.87 5.66
C ASN A 23 -11.31 0.53 6.24
N ASN A 24 -10.10 1.06 6.41
CA ASN A 24 -9.92 2.38 7.02
C ASN A 24 -9.87 3.47 5.95
N ARG A 25 -9.67 3.04 4.70
CA ARG A 25 -9.57 3.95 3.55
C ARG A 25 -8.28 4.77 3.62
N THR A 26 -7.19 4.09 3.93
CA THR A 26 -5.89 4.75 4.05
C THR A 26 -4.82 3.99 3.23
N THR A 27 -3.81 4.70 2.73
CA THR A 27 -2.72 4.05 2.02
C THR A 27 -1.56 3.74 2.98
N GLN A 28 -0.88 2.63 2.74
CA GLN A 28 0.12 2.13 3.67
C GLN A 28 1.47 1.87 3.01
N PHE A 29 2.37 2.86 3.06
CA PHE A 29 3.80 2.60 2.79
C PHE A 29 4.36 1.77 3.92
N THR A 30 3.53 1.66 4.91
CA THR A 30 3.83 0.85 6.07
C THR A 30 3.28 -0.53 5.76
N ASP A 31 4.13 -1.35 5.16
CA ASP A 31 3.67 -2.48 4.42
C ASP A 31 4.03 -3.80 5.01
N PRO A 32 3.16 -4.75 4.73
CA PRO A 32 3.41 -6.14 4.97
C PRO A 32 4.58 -6.59 4.09
N ARG A 33 4.90 -5.72 3.11
CA ARG A 33 6.07 -5.88 2.26
C ARG A 33 7.36 -5.87 3.08
N LEU A 34 7.70 -4.73 3.67
CA LEU A 34 8.92 -4.62 4.46
C LEU A 34 8.79 -5.44 5.75
N SER A 35 7.55 -5.72 6.12
CA SER A 35 7.27 -6.53 7.31
C SER A 35 7.58 -8.01 7.05
N ALA A 36 7.86 -8.34 5.79
CA ALA A 36 8.19 -9.71 5.43
C ALA A 36 9.64 -9.81 4.96
N ASN A 37 9.94 -9.18 3.83
CA ASN A 37 11.27 -9.28 3.22
C ASN A 37 11.32 -8.42 1.96
N GLU B 1 3.67 6.90 8.28
CA GLU B 1 4.56 6.10 7.41
C GLU B 1 5.98 6.63 7.52
N LEU B 2 6.93 5.75 7.84
CA LEU B 2 8.34 6.12 7.94
C LEU B 2 8.91 6.47 6.56
N GLU B 3 8.23 5.98 5.53
CA GLU B 3 8.61 6.29 4.16
C GLU B 3 7.94 7.60 3.74
N SER B 4 8.43 8.19 2.67
CA SER B 4 7.84 9.39 2.08
C SER B 4 6.34 9.28 1.91
N PRO B 5 5.71 10.45 1.92
CA PRO B 5 4.26 10.61 1.81
C PRO B 5 3.69 9.81 0.64
N PRO B 6 2.76 8.86 0.92
CA PRO B 6 2.26 7.94 -0.09
C PRO B 6 1.15 8.53 -0.97
N PRO B 7 0.86 7.84 -2.09
CA PRO B 7 -0.21 8.20 -3.02
C PRO B 7 -1.55 8.48 -2.31
N PRO B 8 -2.23 9.57 -2.70
CA PRO B 8 -3.56 9.92 -2.18
C PRO B 8 -4.54 8.74 -2.35
N TYR B 9 -5.41 8.55 -1.37
CA TYR B 9 -6.27 7.38 -1.35
C TYR B 9 -7.26 7.34 -2.53
N SER B 10 -6.84 6.64 -3.56
CA SER B 10 -7.72 6.17 -4.60
C SER B 10 -7.70 4.66 -4.51
N ARG B 11 -8.78 3.98 -4.88
CA ARG B 11 -8.86 2.55 -4.64
C ARG B 11 -7.71 1.86 -5.34
N TYR B 12 -7.60 2.12 -6.64
CA TYR B 12 -6.53 1.58 -7.44
C TYR B 12 -5.73 2.71 -8.05
N PRO B 13 -4.69 3.15 -7.35
CA PRO B 13 -3.86 4.27 -7.76
C PRO B 13 -2.87 3.86 -8.83
N MET B 14 -2.89 4.54 -9.96
CA MET B 14 -2.09 4.12 -11.10
C MET B 14 -0.67 4.67 -11.02
N ASP B 15 0.24 3.81 -10.62
CA ASP B 15 1.67 4.10 -10.63
C ASP B 15 2.42 2.79 -10.57
N GLY A 1 1.37 -16.74 -1.39
CA GLY A 1 1.21 -15.32 -1.00
C GLY A 1 -0.22 -14.98 -0.65
N PRO A 2 -0.62 -15.14 0.62
CA PRO A 2 -1.99 -14.86 1.04
C PRO A 2 -2.25 -13.35 1.22
N LEU A 3 -2.96 -12.75 0.28
CA LEU A 3 -3.33 -11.35 0.39
C LEU A 3 -4.74 -11.25 0.96
N PRO A 4 -4.93 -10.43 2.00
CA PRO A 4 -6.26 -10.22 2.60
C PRO A 4 -7.23 -9.58 1.60
N PRO A 5 -8.43 -10.16 1.44
CA PRO A 5 -9.41 -9.71 0.44
C PRO A 5 -9.97 -8.30 0.70
N GLY A 6 -9.70 -7.77 1.89
CA GLY A 6 -10.06 -6.38 2.19
C GLY A 6 -8.93 -5.42 1.89
N TRP A 7 -7.74 -5.99 1.72
CA TRP A 7 -6.53 -5.22 1.53
C TRP A 7 -6.24 -5.02 0.06
N GLU A 8 -5.59 -3.91 -0.26
CA GLU A 8 -5.29 -3.61 -1.66
C GLU A 8 -3.80 -3.32 -1.87
N ILE A 9 -3.13 -4.18 -2.61
CA ILE A 9 -1.69 -4.08 -2.78
C ILE A 9 -1.32 -3.42 -4.10
N ARG A 10 -0.63 -2.27 -4.03
CA ARG A 10 -0.10 -1.63 -5.22
C ARG A 10 1.29 -1.07 -4.92
N ASN A 11 2.16 -1.11 -5.92
CA ASN A 11 3.54 -0.67 -5.77
C ASN A 11 3.79 0.58 -6.62
N THR A 12 4.46 1.58 -6.06
CA THR A 12 4.85 2.76 -6.84
C THR A 12 6.25 2.57 -7.42
N ALA A 13 6.46 3.05 -8.65
CA ALA A 13 7.70 2.84 -9.39
C ALA A 13 8.88 3.50 -8.68
N THR A 14 8.59 4.38 -7.74
CA THR A 14 9.63 5.00 -6.91
C THR A 14 10.33 3.98 -6.02
N GLY A 15 9.74 2.79 -5.91
CA GLY A 15 10.33 1.76 -5.09
C GLY A 15 9.76 1.73 -3.69
N ARG A 16 8.45 1.94 -3.59
CA ARG A 16 7.77 1.95 -2.31
C ARG A 16 6.43 1.24 -2.46
N VAL A 17 6.03 0.47 -1.45
CA VAL A 17 4.77 -0.26 -1.56
C VAL A 17 3.74 0.31 -0.57
N TYR A 18 2.54 0.52 -1.07
CA TYR A 18 1.47 1.16 -0.36
C TYR A 18 0.22 0.31 -0.51
N PHE A 19 -0.23 -0.26 0.57
CA PHE A 19 -1.46 -1.01 0.56
C PHE A 19 -2.61 -0.10 0.90
N VAL A 20 -3.53 0.07 0.00
CA VAL A 20 -4.66 0.89 0.33
C VAL A 20 -5.74 0.01 0.95
N ASP A 21 -6.10 0.27 2.20
CA ASP A 21 -7.05 -0.57 2.90
C ASP A 21 -8.42 -0.04 2.60
N HIS A 22 -9.27 -0.85 2.00
CA HIS A 22 -10.64 -0.44 1.75
C HIS A 22 -11.43 -0.48 3.06
N ASN A 23 -10.84 -1.14 4.05
CA ASN A 23 -11.43 -1.21 5.39
C ASN A 23 -11.33 0.14 6.10
N ASN A 24 -10.14 0.73 6.08
CA ASN A 24 -9.90 1.97 6.81
C ASN A 24 -9.81 3.20 5.88
N ARG A 25 -9.65 2.96 4.58
CA ARG A 25 -9.49 4.02 3.57
C ARG A 25 -8.15 4.73 3.73
N THR A 26 -7.09 3.95 3.88
CA THR A 26 -5.75 4.50 4.08
C THR A 26 -4.74 3.87 3.13
N THR A 27 -3.71 4.60 2.74
CA THR A 27 -2.65 4.01 1.95
C THR A 27 -1.46 3.66 2.84
N GLN A 28 -0.91 2.46 2.67
CA GLN A 28 0.02 1.91 3.65
C GLN A 28 1.40 1.62 3.05
N PHE A 29 2.33 2.57 3.19
CA PHE A 29 3.76 2.28 3.11
C PHE A 29 4.13 1.43 4.31
N THR A 30 3.15 1.35 5.17
CA THR A 30 3.23 0.52 6.33
C THR A 30 2.69 -0.83 5.90
N ASP A 31 3.58 -1.67 5.42
CA ASP A 31 3.16 -2.79 4.60
C ASP A 31 3.73 -4.08 5.04
N PRO A 32 2.94 -5.10 4.76
CA PRO A 32 3.30 -6.48 4.94
C PRO A 32 4.44 -6.84 3.98
N ARG A 33 4.66 -5.95 2.99
CA ARG A 33 5.75 -6.09 2.03
C ARG A 33 7.12 -6.00 2.71
N LEU A 34 7.42 -4.85 3.30
CA LEU A 34 8.72 -4.63 3.94
C LEU A 34 8.85 -5.47 5.21
N SER A 35 7.73 -5.98 5.68
CA SER A 35 7.73 -6.85 6.85
C SER A 35 8.09 -8.29 6.47
N ALA A 36 8.13 -8.56 5.16
CA ALA A 36 8.40 -9.90 4.67
C ALA A 36 9.68 -9.95 3.84
N ASN A 37 9.84 -8.98 2.95
CA ASN A 37 10.99 -8.92 2.03
C ASN A 37 10.91 -10.07 1.01
N GLU B 1 4.85 8.07 8.88
CA GLU B 1 5.58 6.90 8.35
C GLU B 1 7.02 7.28 8.06
N LEU B 2 7.93 6.32 8.18
CA LEU B 2 9.36 6.58 7.99
C LEU B 2 9.71 6.75 6.52
N GLU B 3 8.76 6.43 5.65
CA GLU B 3 8.96 6.52 4.21
C GLU B 3 8.29 7.78 3.67
N SER B 4 8.75 8.24 2.50
CA SER B 4 8.19 9.40 1.82
C SER B 4 6.68 9.33 1.70
N PRO B 5 6.09 10.51 1.64
CA PRO B 5 4.66 10.74 1.56
C PRO B 5 3.99 9.88 0.49
N PRO B 6 2.96 9.11 0.89
CA PRO B 6 2.31 8.14 0.03
C PRO B 6 1.18 8.71 -0.84
N PRO B 7 0.83 7.97 -1.90
CA PRO B 7 -0.25 8.32 -2.84
C PRO B 7 -1.57 8.66 -2.13
N PRO B 8 -2.29 9.70 -2.59
CA PRO B 8 -3.64 10.01 -2.09
C PRO B 8 -4.57 8.81 -2.26
N TYR B 9 -5.43 8.58 -1.28
CA TYR B 9 -6.22 7.35 -1.25
C TYR B 9 -7.20 7.27 -2.41
N SER B 10 -6.76 6.60 -3.46
CA SER B 10 -7.62 6.16 -4.53
C SER B 10 -7.76 4.66 -4.38
N ARG B 11 -8.88 4.08 -4.78
CA ARG B 11 -9.05 2.65 -4.60
C ARG B 11 -7.94 1.92 -5.34
N TYR B 12 -7.82 2.23 -6.62
CA TYR B 12 -6.75 1.69 -7.43
C TYR B 12 -5.90 2.82 -8.00
N PRO B 13 -4.83 3.18 -7.29
CA PRO B 13 -3.90 4.19 -7.75
C PRO B 13 -2.91 3.64 -8.78
N MET B 14 -2.80 4.30 -9.92
CA MET B 14 -2.02 3.79 -11.03
C MET B 14 -0.67 4.49 -11.15
N ASP B 15 0.39 3.70 -11.10
CA ASP B 15 1.74 4.22 -11.24
C ASP B 15 2.64 3.17 -11.88
N GLY A 1 2.25 -14.98 -1.92
CA GLY A 1 1.59 -15.09 -0.59
C GLY A 1 0.13 -14.73 -0.66
N PRO A 2 -0.67 -15.16 0.33
CA PRO A 2 -2.10 -14.86 0.36
C PRO A 2 -2.37 -13.38 0.66
N LEU A 3 -2.89 -12.64 -0.31
CA LEU A 3 -3.23 -11.24 -0.10
C LEU A 3 -4.59 -11.15 0.59
N PRO A 4 -4.70 -10.36 1.68
CA PRO A 4 -5.97 -10.22 2.41
C PRO A 4 -7.04 -9.49 1.59
N PRO A 5 -8.30 -9.95 1.65
CA PRO A 5 -9.39 -9.41 0.82
C PRO A 5 -9.70 -7.93 1.09
N GLY A 6 -9.53 -7.49 2.33
CA GLY A 6 -9.77 -6.10 2.68
C GLY A 6 -8.59 -5.22 2.32
N TRP A 7 -7.48 -5.88 2.06
CA TRP A 7 -6.24 -5.23 1.71
C TRP A 7 -6.09 -5.11 0.21
N GLU A 8 -5.40 -4.08 -0.25
CA GLU A 8 -5.18 -3.92 -1.69
C GLU A 8 -3.78 -3.40 -2.03
N ILE A 9 -2.98 -4.24 -2.67
CA ILE A 9 -1.55 -3.99 -2.86
C ILE A 9 -1.26 -3.26 -4.17
N ARG A 10 -0.39 -2.25 -4.10
CA ARG A 10 0.12 -1.59 -5.30
C ARG A 10 1.57 -1.15 -5.11
N ASN A 11 2.40 -1.43 -6.10
CA ASN A 11 3.81 -1.07 -6.06
C ASN A 11 4.03 0.21 -6.88
N THR A 12 4.58 1.26 -6.27
CA THR A 12 4.82 2.50 -6.99
C THR A 12 6.20 2.49 -7.64
N ALA A 13 6.31 3.15 -8.79
CA ALA A 13 7.55 3.17 -9.57
C ALA A 13 8.72 3.74 -8.79
N THR A 14 8.42 4.41 -7.68
CA THR A 14 9.43 4.92 -6.79
C THR A 14 10.19 3.77 -6.12
N GLY A 15 9.63 2.57 -6.21
CA GLY A 15 10.28 1.40 -5.66
C GLY A 15 9.80 1.06 -4.25
N ARG A 16 8.51 1.28 -4.00
CA ARG A 16 7.94 0.99 -2.68
C ARG A 16 6.50 0.52 -2.84
N VAL A 17 6.02 -0.32 -1.94
CA VAL A 17 4.71 -0.91 -2.09
C VAL A 17 3.71 -0.40 -1.04
N TYR A 18 2.83 0.49 -1.46
CA TYR A 18 1.74 0.96 -0.65
C TYR A 18 0.52 0.06 -0.86
N PHE A 19 0.04 -0.49 0.22
CA PHE A 19 -1.21 -1.24 0.19
C PHE A 19 -2.29 -0.33 0.72
N VAL A 20 -3.30 -0.04 -0.06
CA VAL A 20 -4.35 0.80 0.43
C VAL A 20 -5.43 -0.07 1.10
N ASP A 21 -5.80 0.26 2.32
CA ASP A 21 -6.81 -0.51 3.02
C ASP A 21 -8.16 0.11 2.71
N HIS A 22 -9.07 -0.67 2.15
CA HIS A 22 -10.40 -0.17 1.87
C HIS A 22 -11.21 -0.01 3.15
N ASN A 23 -10.72 -0.60 4.23
CA ASN A 23 -11.37 -0.50 5.54
C ASN A 23 -11.34 0.93 6.06
N ASN A 24 -10.16 1.40 6.46
CA ASN A 24 -10.02 2.73 7.02
C ASN A 24 -9.82 3.77 5.91
N ARG A 25 -9.50 3.27 4.72
CA ARG A 25 -9.22 4.11 3.56
C ARG A 25 -7.90 4.86 3.75
N THR A 26 -6.83 4.10 3.91
CA THR A 26 -5.50 4.67 4.06
C THR A 26 -4.54 3.98 3.10
N THR A 27 -3.52 4.70 2.63
CA THR A 27 -2.50 4.08 1.81
C THR A 27 -1.32 3.68 2.70
N GLN A 28 -0.87 2.44 2.61
CA GLN A 28 0.13 1.92 3.53
C GLN A 28 1.46 1.67 2.83
N PHE A 29 2.38 2.62 2.92
CA PHE A 29 3.78 2.35 2.57
C PHE A 29 4.38 1.51 3.65
N THR A 30 3.61 1.38 4.69
CA THR A 30 3.92 0.52 5.80
C THR A 30 3.41 -0.86 5.41
N ASP A 31 4.26 -1.61 4.76
CA ASP A 31 3.82 -2.76 4.02
C ASP A 31 4.17 -4.05 4.65
N PRO A 32 3.30 -5.02 4.37
CA PRO A 32 3.53 -6.40 4.69
C PRO A 32 4.74 -6.88 3.87
N ARG A 33 5.09 -6.04 2.87
CA ARG A 33 6.30 -6.18 2.07
C ARG A 33 7.55 -6.11 2.95
N LEU A 34 7.54 -5.20 3.93
CA LEU A 34 8.68 -4.99 4.80
C LEU A 34 8.82 -6.14 5.81
N SER A 35 7.75 -6.88 6.00
CA SER A 35 7.73 -7.96 6.97
C SER A 35 8.19 -9.28 6.35
N ALA A 36 8.35 -9.30 5.03
CA ALA A 36 8.78 -10.52 4.35
C ALA A 36 10.30 -10.55 4.23
N ASN A 37 10.82 -9.68 3.37
CA ASN A 37 12.27 -9.55 3.14
C ASN A 37 12.51 -8.75 1.87
N GLU B 1 1.98 7.91 7.13
CA GLU B 1 3.13 6.97 7.07
C GLU B 1 4.40 7.68 7.49
N LEU B 2 5.20 7.00 8.31
CA LEU B 2 6.47 7.54 8.77
C LEU B 2 7.46 7.57 7.61
N GLU B 3 7.17 6.77 6.60
CA GLU B 3 7.98 6.72 5.39
C GLU B 3 7.62 7.91 4.47
N SER B 4 8.42 8.11 3.43
CA SER B 4 8.18 9.17 2.45
C SER B 4 6.75 9.16 1.96
N PRO B 5 6.29 10.37 1.65
CA PRO B 5 4.91 10.66 1.27
C PRO B 5 4.37 9.72 0.20
N PRO B 6 3.29 8.99 0.55
CA PRO B 6 2.69 7.98 -0.33
C PRO B 6 1.52 8.51 -1.17
N PRO B 7 1.11 7.72 -2.17
CA PRO B 7 -0.03 8.02 -3.05
C PRO B 7 -1.30 8.43 -2.30
N PRO B 8 -1.91 9.58 -2.67
CA PRO B 8 -3.22 9.99 -2.15
C PRO B 8 -4.27 8.91 -2.37
N TYR B 9 -5.15 8.72 -1.40
CA TYR B 9 -6.03 7.55 -1.40
C TYR B 9 -7.13 7.63 -2.46
N SER B 10 -6.84 7.02 -3.58
CA SER B 10 -7.85 6.61 -4.54
C SER B 10 -7.99 5.11 -4.36
N ARG B 11 -9.16 4.53 -4.63
CA ARG B 11 -9.37 3.12 -4.29
C ARG B 11 -8.34 2.29 -5.03
N TYR B 12 -8.21 2.56 -6.31
CA TYR B 12 -7.17 1.95 -7.13
C TYR B 12 -6.30 3.05 -7.71
N PRO B 13 -5.20 3.35 -7.03
CA PRO B 13 -4.30 4.42 -7.45
C PRO B 13 -3.39 3.97 -8.59
N MET B 14 -3.46 4.66 -9.70
CA MET B 14 -2.61 4.31 -10.83
C MET B 14 -1.21 4.85 -10.61
N ASP B 15 -0.28 3.93 -10.44
CA ASP B 15 1.10 4.26 -10.14
C ASP B 15 1.82 4.73 -11.41
N GLY A 1 1.95 -15.27 -0.67
CA GLY A 1 1.23 -14.97 0.58
C GLY A 1 -0.24 -14.69 0.34
N PRO A 2 -1.14 -15.16 1.21
CA PRO A 2 -2.57 -14.91 1.08
C PRO A 2 -2.92 -13.43 1.34
N LEU A 3 -3.28 -12.70 0.29
CA LEU A 3 -3.69 -11.31 0.42
C LEU A 3 -5.09 -11.25 1.02
N PRO A 4 -5.29 -10.46 2.07
CA PRO A 4 -6.60 -10.27 2.69
C PRO A 4 -7.57 -9.58 1.72
N PRO A 5 -8.79 -10.13 1.56
CA PRO A 5 -9.78 -9.63 0.59
C PRO A 5 -10.30 -8.22 0.91
N GLY A 6 -9.96 -7.72 2.08
CA GLY A 6 -10.29 -6.35 2.44
C GLY A 6 -9.18 -5.39 2.06
N TRP A 7 -8.02 -5.96 1.79
CA TRP A 7 -6.80 -5.20 1.52
C TRP A 7 -6.59 -5.01 0.04
N GLU A 8 -5.95 -3.90 -0.31
CA GLU A 8 -5.70 -3.60 -1.72
C GLU A 8 -4.21 -3.33 -1.96
N ILE A 9 -3.55 -4.15 -2.74
CA ILE A 9 -2.11 -4.06 -2.89
C ILE A 9 -1.69 -3.37 -4.20
N ARG A 10 -0.79 -2.39 -4.08
CA ARG A 10 -0.13 -1.80 -5.24
C ARG A 10 1.31 -1.43 -4.89
N ASN A 11 2.17 -1.52 -5.88
CA ASN A 11 3.57 -1.14 -5.74
C ASN A 11 3.82 0.17 -6.49
N THR A 12 4.57 1.09 -5.89
CA THR A 12 4.85 2.38 -6.52
C THR A 12 6.12 2.27 -7.34
N ALA A 13 6.07 2.81 -8.56
CA ALA A 13 7.21 2.75 -9.48
C ALA A 13 8.44 3.46 -8.88
N THR A 14 8.22 4.24 -7.84
CA THR A 14 9.29 4.91 -7.13
C THR A 14 10.11 3.92 -6.29
N GLY A 15 9.56 2.72 -6.09
CA GLY A 15 10.29 1.69 -5.37
C GLY A 15 9.84 1.51 -3.93
N ARG A 16 8.52 1.53 -3.72
CA ARG A 16 7.95 1.44 -2.36
C ARG A 16 6.59 0.74 -2.46
N VAL A 17 6.16 0.03 -1.42
CA VAL A 17 4.87 -0.65 -1.50
C VAL A 17 3.83 0.01 -0.58
N TYR A 18 2.64 0.21 -1.10
CA TYR A 18 1.57 0.93 -0.45
C TYR A 18 0.28 0.13 -0.63
N PHE A 19 -0.22 -0.41 0.46
CA PHE A 19 -1.47 -1.12 0.43
C PHE A 19 -2.58 -0.18 0.83
N VAL A 20 -3.52 0.06 -0.05
CA VAL A 20 -4.61 0.92 0.31
C VAL A 20 -5.71 0.07 0.92
N ASP A 21 -6.04 0.32 2.19
CA ASP A 21 -7.04 -0.48 2.85
C ASP A 21 -8.38 0.17 2.61
N HIS A 22 -9.30 -0.58 2.03
CA HIS A 22 -10.66 -0.05 1.81
C HIS A 22 -11.41 0.04 3.13
N ASN A 23 -10.87 -0.63 4.15
CA ASN A 23 -11.47 -0.60 5.48
C ASN A 23 -11.19 0.73 6.17
N ASN A 24 -9.94 1.17 6.10
CA ASN A 24 -9.51 2.40 6.78
C ASN A 24 -9.45 3.57 5.80
N ARG A 25 -9.47 3.27 4.50
CA ARG A 25 -9.36 4.27 3.44
C ARG A 25 -8.01 4.96 3.50
N THR A 26 -6.98 4.19 3.79
CA THR A 26 -5.63 4.74 3.94
C THR A 26 -4.63 3.94 3.10
N THR A 27 -3.57 4.60 2.64
CA THR A 27 -2.51 3.91 1.91
C THR A 27 -1.38 3.50 2.84
N GLN A 28 -0.82 2.32 2.62
CA GLN A 28 0.12 1.73 3.55
C GLN A 28 1.49 1.46 2.95
N PHE A 29 2.43 2.37 3.16
CA PHE A 29 3.85 2.04 3.05
C PHE A 29 4.20 1.15 4.22
N THR A 30 3.23 1.08 5.10
CA THR A 30 3.28 0.23 6.26
C THR A 30 2.77 -1.11 5.82
N ASP A 31 3.66 -1.95 5.35
CA ASP A 31 3.27 -3.07 4.54
C ASP A 31 3.68 -4.38 5.08
N PRO A 32 2.86 -5.36 4.75
CA PRO A 32 3.17 -6.75 4.95
C PRO A 32 4.38 -7.10 4.06
N ARG A 33 4.68 -6.19 3.12
CA ARG A 33 5.86 -6.27 2.25
C ARG A 33 7.16 -6.02 3.00
N LEU A 34 7.06 -5.48 4.21
CA LEU A 34 8.24 -5.19 5.03
C LEU A 34 8.97 -6.50 5.39
N SER A 35 8.28 -7.62 5.22
CA SER A 35 8.87 -8.92 5.52
C SER A 35 9.62 -9.49 4.32
N ALA A 36 9.48 -8.84 3.16
CA ALA A 36 10.08 -9.34 1.93
C ALA A 36 11.60 -9.12 1.94
N ASN A 37 12.04 -8.05 2.56
CA ASN A 37 13.47 -7.75 2.63
C ASN A 37 14.05 -8.14 3.99
N GLU B 1 2.81 8.76 7.06
CA GLU B 1 3.73 7.60 7.05
C GLU B 1 5.10 8.02 7.60
N LEU B 2 5.79 7.08 8.24
CA LEU B 2 7.13 7.34 8.75
C LEU B 2 8.09 7.43 7.57
N GLU B 3 7.75 6.69 6.52
CA GLU B 3 8.46 6.76 5.26
C GLU B 3 7.92 7.94 4.44
N SER B 4 8.59 8.26 3.34
CA SER B 4 8.16 9.34 2.46
C SER B 4 6.69 9.25 2.10
N PRO B 5 6.13 10.43 1.91
CA PRO B 5 4.69 10.65 1.66
C PRO B 5 4.15 9.73 0.57
N PRO B 6 3.15 8.89 0.91
CA PRO B 6 2.60 7.92 0.00
C PRO B 6 1.51 8.48 -0.92
N PRO B 7 1.20 7.74 -2.00
CA PRO B 7 0.16 8.11 -2.97
C PRO B 7 -1.18 8.43 -2.30
N PRO B 8 -1.79 9.56 -2.67
CA PRO B 8 -3.13 9.96 -2.18
C PRO B 8 -4.15 8.84 -2.38
N TYR B 9 -5.06 8.67 -1.42
CA TYR B 9 -5.93 7.50 -1.40
C TYR B 9 -6.83 7.42 -2.63
N SER B 10 -6.39 6.64 -3.59
CA SER B 10 -7.21 6.21 -4.69
C SER B 10 -7.44 4.71 -4.51
N ARG B 11 -8.56 4.18 -4.96
CA ARG B 11 -8.81 2.75 -4.79
C ARG B 11 -7.69 1.98 -5.46
N TYR B 12 -7.56 2.19 -6.76
CA TYR B 12 -6.51 1.59 -7.54
C TYR B 12 -5.68 2.67 -8.18
N PRO B 13 -4.76 3.25 -7.40
CA PRO B 13 -3.92 4.37 -7.83
C PRO B 13 -2.86 3.94 -8.84
N MET B 14 -2.97 4.43 -10.06
CA MET B 14 -2.05 4.00 -11.10
C MET B 14 -0.78 4.85 -11.09
N ASP B 15 0.21 4.41 -10.33
CA ASP B 15 1.50 5.08 -10.26
C ASP B 15 2.58 4.07 -9.88
N GLY A 1 -3.92 -17.19 -1.30
CA GLY A 1 -3.11 -16.00 -1.63
C GLY A 1 -2.54 -15.34 -0.39
N PRO A 2 -1.35 -14.72 -0.48
CA PRO A 2 -0.74 -14.01 0.64
C PRO A 2 -1.36 -12.64 0.88
N LEU A 3 -2.29 -12.28 0.01
CA LEU A 3 -3.00 -11.01 0.13
C LEU A 3 -4.37 -11.24 0.76
N PRO A 4 -4.65 -10.56 1.88
CA PRO A 4 -5.95 -10.62 2.55
C PRO A 4 -7.04 -9.96 1.70
N PRO A 5 -8.25 -10.55 1.66
CA PRO A 5 -9.35 -10.09 0.79
C PRO A 5 -9.85 -8.69 1.12
N GLY A 6 -9.49 -8.18 2.29
CA GLY A 6 -9.87 -6.83 2.67
C GLY A 6 -8.80 -5.82 2.31
N TRP A 7 -7.63 -6.33 2.00
CA TRP A 7 -6.45 -5.51 1.75
C TRP A 7 -6.25 -5.25 0.28
N GLU A 8 -5.66 -4.11 -0.05
CA GLU A 8 -5.40 -3.78 -1.46
C GLU A 8 -3.93 -3.42 -1.64
N ILE A 9 -3.23 -4.16 -2.49
CA ILE A 9 -1.78 -3.98 -2.62
C ILE A 9 -1.40 -3.33 -3.95
N ARG A 10 -0.53 -2.32 -3.88
CA ARG A 10 0.07 -1.74 -5.08
C ARG A 10 1.50 -1.31 -4.81
N ASN A 11 2.32 -1.34 -5.84
CA ASN A 11 3.71 -0.91 -5.77
C ASN A 11 3.91 0.30 -6.69
N THR A 12 4.57 1.35 -6.21
CA THR A 12 4.81 2.52 -7.04
C THR A 12 6.11 2.39 -7.79
N ALA A 13 6.17 2.96 -8.99
CA ALA A 13 7.33 2.86 -9.86
C ALA A 13 8.58 3.44 -9.21
N THR A 14 8.38 4.29 -8.21
CA THR A 14 9.49 4.85 -7.44
C THR A 14 10.19 3.78 -6.61
N GLY A 15 9.50 2.67 -6.42
CA GLY A 15 10.04 1.58 -5.62
C GLY A 15 9.53 1.61 -4.20
N ARG A 16 8.24 1.87 -4.04
CA ARG A 16 7.63 1.94 -2.70
C ARG A 16 6.33 1.15 -2.67
N VAL A 17 6.13 0.38 -1.61
CA VAL A 17 4.91 -0.42 -1.51
C VAL A 17 3.96 0.15 -0.45
N TYR A 18 2.70 0.23 -0.83
CA TYR A 18 1.67 0.94 -0.10
C TYR A 18 0.37 0.17 -0.28
N PHE A 19 -0.17 -0.34 0.80
CA PHE A 19 -1.40 -1.09 0.74
C PHE A 19 -2.55 -0.20 1.11
N VAL A 20 -3.49 -0.01 0.23
CA VAL A 20 -4.62 0.80 0.57
C VAL A 20 -5.71 -0.08 1.17
N ASP A 21 -6.10 0.20 2.41
CA ASP A 21 -7.13 -0.59 3.05
C ASP A 21 -8.46 0.05 2.71
N HIS A 22 -9.36 -0.71 2.09
CA HIS A 22 -10.67 -0.18 1.70
C HIS A 22 -11.56 0.01 2.93
N ASN A 23 -11.17 -0.61 4.04
CA ASN A 23 -11.93 -0.49 5.27
C ASN A 23 -11.64 0.82 5.97
N ASN A 24 -10.37 1.21 6.00
CA ASN A 24 -9.96 2.45 6.69
C ASN A 24 -9.80 3.61 5.70
N ARG A 25 -9.72 3.28 4.41
CA ARG A 25 -9.50 4.27 3.34
C ARG A 25 -8.14 4.93 3.48
N THR A 26 -7.13 4.13 3.78
CA THR A 26 -5.79 4.66 4.01
C THR A 26 -4.76 3.89 3.18
N THR A 27 -3.68 4.56 2.78
CA THR A 27 -2.61 3.89 2.06
C THR A 27 -1.47 3.56 3.02
N GLN A 28 -0.89 2.37 2.86
CA GLN A 28 0.02 1.84 3.86
C GLN A 28 1.42 1.59 3.27
N PHE A 29 2.29 2.59 3.37
CA PHE A 29 3.74 2.37 3.23
C PHE A 29 4.20 1.55 4.41
N THR A 30 3.27 1.43 5.33
CA THR A 30 3.47 0.62 6.50
C THR A 30 2.95 -0.76 6.14
N ASP A 31 3.84 -1.58 5.62
CA ASP A 31 3.43 -2.72 4.83
C ASP A 31 3.90 -4.02 5.39
N PRO A 32 3.10 -5.01 5.10
CA PRO A 32 3.44 -6.39 5.35
C PRO A 32 4.68 -6.74 4.48
N ARG A 33 4.95 -5.84 3.51
CA ARG A 33 6.15 -5.91 2.66
C ARG A 33 7.43 -5.66 3.46
N LEU A 34 7.31 -4.91 4.55
CA LEU A 34 8.47 -4.53 5.35
C LEU A 34 9.15 -5.74 6.00
N SER A 35 8.43 -6.84 6.06
CA SER A 35 8.97 -8.07 6.64
C SER A 35 9.26 -9.09 5.55
N ALA A 36 8.82 -8.80 4.33
CA ALA A 36 8.94 -9.74 3.23
C ALA A 36 10.38 -9.82 2.71
N ASN A 37 10.86 -8.73 2.13
CA ASN A 37 12.19 -8.70 1.55
C ASN A 37 13.16 -7.92 2.42
N GLU B 1 3.48 8.61 7.75
CA GLU B 1 4.26 7.35 7.65
C GLU B 1 5.75 7.63 7.82
N LEU B 2 6.48 6.65 8.33
CA LEU B 2 7.93 6.77 8.48
C LEU B 2 8.61 6.88 7.11
N GLU B 3 7.87 6.53 6.08
CA GLU B 3 8.35 6.61 4.70
C GLU B 3 7.82 7.92 4.07
N SER B 4 8.43 8.31 2.95
CA SER B 4 8.00 9.46 2.17
C SER B 4 6.50 9.44 1.90
N PRO B 5 5.98 10.64 1.69
CA PRO B 5 4.56 10.89 1.43
C PRO B 5 4.00 9.96 0.36
N PRO B 6 2.98 9.15 0.71
CA PRO B 6 2.43 8.15 -0.19
C PRO B 6 1.33 8.68 -1.11
N PRO B 7 0.99 7.87 -2.14
CA PRO B 7 -0.10 8.17 -3.08
C PRO B 7 -1.41 8.55 -2.38
N PRO B 8 -2.07 9.62 -2.86
CA PRO B 8 -3.41 9.99 -2.39
C PRO B 8 -4.39 8.82 -2.56
N TYR B 9 -5.27 8.62 -1.59
CA TYR B 9 -6.09 7.42 -1.56
C TYR B 9 -6.97 7.27 -2.80
N SER B 10 -6.48 6.46 -3.73
CA SER B 10 -7.26 5.97 -4.84
C SER B 10 -7.39 4.47 -4.63
N ARG B 11 -8.47 3.85 -5.09
CA ARG B 11 -8.63 2.41 -4.84
C ARG B 11 -7.46 1.68 -5.45
N TYR B 12 -7.23 1.93 -6.73
CA TYR B 12 -6.07 1.38 -7.43
C TYR B 12 -5.22 2.51 -7.97
N PRO B 13 -4.34 3.05 -7.11
CA PRO B 13 -3.48 4.18 -7.46
C PRO B 13 -2.33 3.78 -8.38
N MET B 14 -2.51 3.96 -9.67
CA MET B 14 -1.51 3.57 -10.65
C MET B 14 -0.46 4.66 -10.82
N ASP B 15 0.71 4.45 -10.23
CA ASP B 15 1.80 5.41 -10.31
C ASP B 15 3.12 4.70 -10.53
N GLY A 1 1.89 -16.28 2.64
CA GLY A 1 0.75 -15.42 3.03
C GLY A 1 0.07 -14.80 1.83
N PRO A 2 -1.19 -15.16 1.55
CA PRO A 2 -1.94 -14.62 0.42
C PRO A 2 -2.48 -13.21 0.71
N LEU A 3 -2.73 -12.45 -0.35
CA LEU A 3 -3.30 -11.11 -0.21
C LEU A 3 -4.67 -11.18 0.46
N PRO A 4 -4.86 -10.45 1.57
CA PRO A 4 -6.14 -10.42 2.28
C PRO A 4 -7.22 -9.75 1.44
N PRO A 5 -8.44 -10.31 1.43
CA PRO A 5 -9.54 -9.87 0.56
C PRO A 5 -9.98 -8.42 0.80
N GLY A 6 -9.69 -7.89 1.98
CA GLY A 6 -10.04 -6.52 2.29
C GLY A 6 -8.95 -5.55 1.90
N TRP A 7 -7.78 -6.10 1.64
CA TRP A 7 -6.59 -5.32 1.35
C TRP A 7 -6.41 -5.06 -0.13
N GLU A 8 -5.80 -3.93 -0.47
CA GLU A 8 -5.55 -3.59 -1.88
C GLU A 8 -4.08 -3.27 -2.08
N ILE A 9 -3.41 -4.02 -2.94
CA ILE A 9 -1.97 -3.92 -3.08
C ILE A 9 -1.56 -3.23 -4.39
N ARG A 10 -0.79 -2.15 -4.27
CA ARG A 10 -0.19 -1.51 -5.44
C ARG A 10 1.22 -1.04 -5.11
N ASN A 11 2.09 -1.02 -6.10
CA ASN A 11 3.50 -0.69 -5.90
C ASN A 11 3.89 0.48 -6.81
N THR A 12 4.61 1.47 -6.28
CA THR A 12 5.07 2.58 -7.10
C THR A 12 6.44 2.29 -7.70
N ALA A 13 6.65 2.73 -8.94
CA ALA A 13 7.89 2.45 -9.67
C ALA A 13 9.09 3.10 -8.98
N THR A 14 8.81 4.02 -8.06
CA THR A 14 9.85 4.66 -7.27
C THR A 14 10.55 3.66 -6.35
N GLY A 15 9.94 2.49 -6.18
CA GLY A 15 10.51 1.46 -5.33
C GLY A 15 9.93 1.46 -3.93
N ARG A 16 8.62 1.68 -3.83
CA ARG A 16 7.92 1.73 -2.56
C ARG A 16 6.53 1.13 -2.73
N VAL A 17 6.07 0.36 -1.76
CA VAL A 17 4.77 -0.29 -1.88
C VAL A 17 3.75 0.35 -0.93
N TYR A 18 2.55 0.55 -1.42
CA TYR A 18 1.50 1.24 -0.72
C TYR A 18 0.21 0.41 -0.85
N PHE A 19 -0.22 -0.15 0.24
CA PHE A 19 -1.45 -0.94 0.24
C PHE A 19 -2.60 -0.07 0.67
N VAL A 20 -3.56 0.12 -0.20
CA VAL A 20 -4.70 0.92 0.18
C VAL A 20 -5.77 0.01 0.79
N ASP A 21 -6.10 0.23 2.06
CA ASP A 21 -7.09 -0.59 2.73
C ASP A 21 -8.45 0.04 2.52
N HIS A 22 -9.37 -0.72 1.96
CA HIS A 22 -10.71 -0.18 1.70
C HIS A 22 -11.50 -0.05 2.99
N ASN A 23 -11.02 -0.70 4.05
CA ASN A 23 -11.67 -0.65 5.35
C ASN A 23 -11.46 0.70 6.03
N ASN A 24 -10.25 0.94 6.54
CA ASN A 24 -9.96 2.20 7.22
C ASN A 24 -9.71 3.30 6.21
N ARG A 25 -9.49 2.88 4.95
CA ARG A 25 -9.28 3.79 3.83
C ARG A 25 -7.97 4.55 3.99
N THR A 26 -6.90 3.79 4.02
CA THR A 26 -5.56 4.32 4.20
C THR A 26 -4.62 3.76 3.13
N THR A 27 -3.60 4.51 2.75
CA THR A 27 -2.57 3.96 1.88
C THR A 27 -1.36 3.55 2.72
N GLN A 28 -0.81 2.38 2.46
CA GLN A 28 0.17 1.79 3.36
C GLN A 28 1.54 1.62 2.70
N PHE A 29 2.40 2.63 2.84
CA PHE A 29 3.85 2.44 2.61
C PHE A 29 4.39 1.61 3.74
N THR A 30 3.53 1.43 4.69
CA THR A 30 3.80 0.60 5.84
C THR A 30 3.18 -0.76 5.52
N ASP A 31 3.98 -1.60 4.89
CA ASP A 31 3.49 -2.70 4.09
C ASP A 31 3.95 -4.02 4.58
N PRO A 32 3.12 -5.01 4.31
CA PRO A 32 3.46 -6.39 4.52
C PRO A 32 4.67 -6.74 3.63
N ARG A 33 4.93 -5.84 2.66
CA ARG A 33 6.13 -5.88 1.83
C ARG A 33 7.39 -5.66 2.68
N LEU A 34 7.27 -4.80 3.68
CA LEU A 34 8.39 -4.48 4.55
C LEU A 34 8.71 -5.66 5.47
N SER A 35 7.75 -6.56 5.62
CA SER A 35 7.92 -7.74 6.47
C SER A 35 8.54 -8.89 5.69
N ALA A 36 8.62 -8.74 4.37
CA ALA A 36 9.10 -9.82 3.51
C ALA A 36 10.62 -9.82 3.41
N ASN A 37 11.25 -8.75 3.91
CA ASN A 37 12.70 -8.62 3.83
C ASN A 37 13.26 -7.95 5.08
N GLU B 1 3.11 6.53 8.18
CA GLU B 1 4.07 5.77 7.33
C GLU B 1 5.48 6.26 7.61
N LEU B 2 6.42 5.33 7.73
CA LEU B 2 7.81 5.68 8.00
C LEU B 2 8.52 6.11 6.72
N GLU B 3 7.85 5.89 5.61
CA GLU B 3 8.38 6.24 4.29
C GLU B 3 7.76 7.56 3.82
N SER B 4 8.38 8.15 2.81
CA SER B 4 7.89 9.38 2.19
C SER B 4 6.41 9.31 1.83
N PRO B 5 5.81 10.49 1.68
CA PRO B 5 4.38 10.67 1.47
C PRO B 5 3.84 9.77 0.35
N PRO B 6 2.88 8.88 0.68
CA PRO B 6 2.32 7.93 -0.28
C PRO B 6 1.18 8.51 -1.12
N PRO B 7 0.91 7.85 -2.26
CA PRO B 7 -0.20 8.19 -3.15
C PRO B 7 -1.53 8.36 -2.38
N PRO B 8 -2.19 9.53 -2.55
CA PRO B 8 -3.48 9.83 -1.88
C PRO B 8 -4.50 8.71 -2.10
N TYR B 9 -5.32 8.45 -1.08
CA TYR B 9 -6.21 7.29 -1.10
C TYR B 9 -7.25 7.37 -2.21
N SER B 10 -6.89 6.80 -3.34
CA SER B 10 -7.80 6.46 -4.41
C SER B 10 -7.91 4.95 -4.38
N ARG B 11 -9.04 4.38 -4.80
CA ARG B 11 -9.21 2.94 -4.66
C ARG B 11 -8.11 2.25 -5.45
N TYR B 12 -7.99 2.60 -6.71
CA TYR B 12 -6.96 2.06 -7.57
C TYR B 12 -6.08 3.18 -8.12
N PRO B 13 -5.07 3.55 -7.34
CA PRO B 13 -4.13 4.61 -7.69
C PRO B 13 -3.00 4.08 -8.57
N MET B 14 -2.49 4.91 -9.47
CA MET B 14 -1.39 4.48 -10.32
C MET B 14 -0.17 5.37 -10.15
N ASP B 15 0.74 4.91 -9.31
CA ASP B 15 2.02 5.58 -9.06
C ASP B 15 1.83 7.03 -8.62
N GLY A 1 -3.92 -16.81 -2.04
CA GLY A 1 -3.14 -15.54 -2.01
C GLY A 1 -2.78 -15.13 -0.59
N PRO A 2 -1.54 -14.68 -0.35
CA PRO A 2 -1.11 -14.23 0.99
C PRO A 2 -1.65 -12.84 1.34
N LEU A 3 -2.27 -12.19 0.36
CA LEU A 3 -2.85 -10.88 0.56
C LEU A 3 -4.23 -11.02 1.20
N PRO A 4 -4.51 -10.26 2.27
CA PRO A 4 -5.82 -10.27 2.92
C PRO A 4 -6.87 -9.59 2.03
N PRO A 5 -8.10 -10.13 2.01
CA PRO A 5 -9.16 -9.66 1.09
C PRO A 5 -9.60 -8.21 1.34
N GLY A 6 -9.26 -7.67 2.50
CA GLY A 6 -9.59 -6.29 2.79
C GLY A 6 -8.48 -5.35 2.37
N TRP A 7 -7.33 -5.93 2.12
CA TRP A 7 -6.12 -5.19 1.81
C TRP A 7 -5.92 -5.07 0.31
N GLU A 8 -5.28 -3.98 -0.10
CA GLU A 8 -5.03 -3.74 -1.54
C GLU A 8 -3.58 -3.34 -1.76
N ILE A 9 -2.86 -4.10 -2.58
CA ILE A 9 -1.41 -3.90 -2.71
C ILE A 9 -1.02 -3.28 -4.05
N ARG A 10 -0.21 -2.22 -4.02
CA ARG A 10 0.45 -1.72 -5.22
C ARG A 10 1.86 -1.23 -4.88
N ASN A 11 2.75 -1.40 -5.83
CA ASN A 11 4.10 -0.89 -5.72
C ASN A 11 4.24 0.33 -6.64
N THR A 12 4.86 1.40 -6.14
CA THR A 12 5.05 2.61 -6.93
C THR A 12 6.37 2.51 -7.67
N ALA A 13 6.42 3.06 -8.88
CA ALA A 13 7.62 3.02 -9.71
C ALA A 13 8.80 3.71 -9.02
N THR A 14 8.48 4.52 -8.00
CA THR A 14 9.51 5.16 -7.19
C THR A 14 10.22 4.15 -6.29
N GLY A 15 9.63 2.96 -6.15
CA GLY A 15 10.24 1.91 -5.36
C GLY A 15 9.67 1.83 -3.95
N ARG A 16 8.35 1.88 -3.83
CA ARG A 16 7.72 1.84 -2.50
C ARG A 16 6.38 1.10 -2.58
N VAL A 17 6.09 0.23 -1.60
CA VAL A 17 4.87 -0.58 -1.68
C VAL A 17 3.78 -0.09 -0.69
N TYR A 18 2.87 0.71 -1.21
CA TYR A 18 1.73 1.21 -0.45
C TYR A 18 0.55 0.25 -0.61
N PHE A 19 0.01 -0.18 0.50
CA PHE A 19 -1.19 -0.97 0.51
C PHE A 19 -2.36 -0.09 0.92
N VAL A 20 -3.32 0.10 0.06
CA VAL A 20 -4.47 0.89 0.41
C VAL A 20 -5.54 -0.01 1.03
N ASP A 21 -5.99 0.31 2.23
CA ASP A 21 -7.02 -0.48 2.88
C ASP A 21 -8.35 0.08 2.49
N HIS A 22 -9.21 -0.77 1.92
CA HIS A 22 -10.57 -0.35 1.61
C HIS A 22 -11.38 -0.26 2.89
N ASN A 23 -10.83 -0.84 3.95
CA ASN A 23 -11.44 -0.81 5.26
C ASN A 23 -11.44 0.60 5.83
N ASN A 24 -10.27 1.12 6.14
CA ASN A 24 -10.14 2.44 6.76
C ASN A 24 -9.99 3.54 5.71
N ARG A 25 -9.68 3.12 4.48
CA ARG A 25 -9.48 4.02 3.34
C ARG A 25 -8.17 4.78 3.50
N THR A 26 -7.09 4.05 3.72
CA THR A 26 -5.79 4.64 3.96
C THR A 26 -4.74 3.99 3.06
N THR A 27 -3.70 4.74 2.68
CA THR A 27 -2.62 4.16 1.90
C THR A 27 -1.42 3.86 2.82
N GLN A 28 -0.86 2.66 2.70
CA GLN A 28 0.12 2.18 3.67
C GLN A 28 1.46 1.85 3.02
N PHE A 29 2.38 2.83 2.98
CA PHE A 29 3.79 2.54 2.66
C PHE A 29 4.41 1.83 3.83
N THR A 30 3.64 1.83 4.88
CA THR A 30 3.98 1.10 6.06
C THR A 30 3.40 -0.29 5.87
N ASP A 31 4.22 -1.16 5.29
CA ASP A 31 3.73 -2.32 4.58
C ASP A 31 4.03 -3.61 5.23
N PRO A 32 3.14 -4.55 4.97
CA PRO A 32 3.36 -5.93 5.29
C PRO A 32 4.53 -6.42 4.43
N ARG A 33 4.87 -5.61 3.41
CA ARG A 33 6.05 -5.79 2.58
C ARG A 33 7.33 -5.68 3.41
N LEU A 34 7.28 -4.93 4.51
CA LEU A 34 8.44 -4.77 5.37
C LEU A 34 8.85 -6.12 5.97
N SER A 35 7.87 -6.97 6.22
CA SER A 35 8.14 -8.28 6.80
C SER A 35 8.49 -9.30 5.71
N ALA A 36 8.25 -8.93 4.46
CA ALA A 36 8.51 -9.83 3.34
C ALA A 36 9.82 -9.49 2.63
N ASN A 37 10.16 -8.20 2.65
CA ASN A 37 11.37 -7.67 1.99
C ASN A 37 11.17 -7.60 0.48
N GLU B 1 4.26 6.84 9.41
CA GLU B 1 4.85 5.93 8.40
C GLU B 1 6.33 6.23 8.24
N LEU B 2 7.13 5.18 8.10
CA LEU B 2 8.58 5.33 7.99
C LEU B 2 9.01 5.83 6.61
N GLU B 3 8.07 5.81 5.67
CA GLU B 3 8.36 6.18 4.30
C GLU B 3 7.71 7.52 3.95
N SER B 4 8.20 8.14 2.87
CA SER B 4 7.65 9.36 2.31
C SER B 4 6.13 9.29 2.12
N PRO B 5 5.54 10.47 2.07
CA PRO B 5 4.11 10.67 1.89
C PRO B 5 3.57 9.86 0.71
N PRO B 6 2.60 8.95 0.98
CA PRO B 6 2.10 8.01 -0.02
C PRO B 6 1.03 8.61 -0.97
N PRO B 7 0.80 7.89 -2.09
CA PRO B 7 -0.22 8.22 -3.09
C PRO B 7 -1.60 8.52 -2.47
N PRO B 8 -2.31 9.52 -3.02
CA PRO B 8 -3.70 9.81 -2.63
C PRO B 8 -4.58 8.57 -2.74
N TYR B 9 -5.53 8.44 -1.82
CA TYR B 9 -6.29 7.19 -1.71
C TYR B 9 -7.22 6.96 -2.90
N SER B 10 -6.78 6.10 -3.81
CA SER B 10 -7.61 5.56 -4.87
C SER B 10 -7.67 4.06 -4.64
N ARG B 11 -8.75 3.40 -5.02
CA ARG B 11 -8.85 1.95 -4.78
C ARG B 11 -7.69 1.29 -5.49
N TYR B 12 -7.58 1.57 -6.78
CA TYR B 12 -6.45 1.14 -7.58
C TYR B 12 -5.77 2.37 -8.14
N PRO B 13 -4.74 2.85 -7.45
CA PRO B 13 -4.01 4.05 -7.82
C PRO B 13 -2.89 3.74 -8.81
N MET B 14 -2.93 4.40 -9.95
CA MET B 14 -1.90 4.21 -10.97
C MET B 14 -0.61 4.93 -10.59
N ASP B 15 0.31 4.18 -10.02
CA ASP B 15 1.58 4.72 -9.54
C ASP B 15 2.68 3.72 -9.81
N GLY A 1 2.56 -15.62 -0.71
CA GLY A 1 1.74 -15.05 0.38
C GLY A 1 0.38 -14.58 -0.10
N PRO A 2 -0.71 -15.18 0.41
CA PRO A 2 -2.07 -14.81 0.02
C PRO A 2 -2.45 -13.39 0.45
N LEU A 3 -2.92 -12.56 -0.48
CA LEU A 3 -3.38 -11.21 -0.15
C LEU A 3 -4.73 -11.29 0.55
N PRO A 4 -4.90 -10.60 1.68
CA PRO A 4 -6.17 -10.60 2.42
C PRO A 4 -7.28 -9.90 1.63
N PRO A 5 -8.50 -10.47 1.61
CA PRO A 5 -9.61 -9.98 0.78
C PRO A 5 -10.07 -8.57 1.11
N GLY A 6 -9.69 -8.08 2.28
CA GLY A 6 -10.04 -6.72 2.67
C GLY A 6 -8.97 -5.72 2.28
N TRP A 7 -7.80 -6.25 1.94
CA TRP A 7 -6.64 -5.43 1.65
C TRP A 7 -6.52 -5.14 0.16
N GLU A 8 -5.94 -3.99 -0.17
CA GLU A 8 -5.73 -3.62 -1.57
C GLU A 8 -4.26 -3.28 -1.79
N ILE A 9 -3.66 -3.76 -2.88
CA ILE A 9 -2.22 -3.64 -3.06
C ILE A 9 -1.83 -3.07 -4.43
N ARG A 10 -0.91 -2.10 -4.43
CA ARG A 10 -0.22 -1.68 -5.64
C ARG A 10 1.22 -1.30 -5.30
N ASN A 11 2.12 -1.50 -6.26
CA ASN A 11 3.53 -1.16 -6.09
C ASN A 11 3.84 0.13 -6.85
N THR A 12 4.51 1.09 -6.21
CA THR A 12 4.90 2.32 -6.89
C THR A 12 6.28 2.18 -7.53
N ALA A 13 6.43 2.75 -8.72
CA ALA A 13 7.67 2.66 -9.49
C ALA A 13 8.86 3.25 -8.74
N THR A 14 8.58 4.01 -7.68
CA THR A 14 9.61 4.55 -6.82
C THR A 14 10.38 3.44 -6.11
N GLY A 15 9.82 2.23 -6.14
CA GLY A 15 10.45 1.10 -5.49
C GLY A 15 9.93 0.87 -4.08
N ARG A 16 8.66 1.18 -3.86
CA ARG A 16 8.07 1.00 -2.54
C ARG A 16 6.62 0.56 -2.71
N VAL A 17 6.11 -0.21 -1.76
CA VAL A 17 4.76 -0.71 -1.87
C VAL A 17 3.82 -0.07 -0.83
N TYR A 18 2.62 0.22 -1.26
CA TYR A 18 1.61 0.90 -0.49
C TYR A 18 0.31 0.13 -0.63
N PHE A 19 -0.17 -0.41 0.47
CA PHE A 19 -1.41 -1.15 0.46
C PHE A 19 -2.53 -0.24 0.91
N VAL A 20 -3.50 0.00 0.06
CA VAL A 20 -4.59 0.86 0.44
C VAL A 20 -5.69 0.01 1.08
N ASP A 21 -6.01 0.29 2.36
CA ASP A 21 -7.05 -0.44 3.04
C ASP A 21 -8.36 0.29 2.80
N HIS A 22 -9.32 -0.37 2.16
CA HIS A 22 -10.62 0.25 1.89
C HIS A 22 -11.39 0.43 3.19
N ASN A 23 -10.95 -0.25 4.24
CA ASN A 23 -11.59 -0.18 5.54
C ASN A 23 -11.17 1.09 6.27
N ASN A 24 -9.91 1.45 6.13
CA ASN A 24 -9.39 2.65 6.80
C ASN A 24 -9.30 3.84 5.84
N ARG A 25 -9.40 3.55 4.54
CA ARG A 25 -9.26 4.57 3.51
C ARG A 25 -7.88 5.22 3.58
N THR A 26 -6.89 4.38 3.87
CA THR A 26 -5.52 4.84 4.05
C THR A 26 -4.56 4.00 3.21
N THR A 27 -3.44 4.59 2.77
CA THR A 27 -2.45 3.85 2.01
C THR A 27 -1.28 3.46 2.92
N GLN A 28 -0.76 2.25 2.70
CA GLN A 28 0.23 1.67 3.60
C GLN A 28 1.58 1.47 2.92
N PHE A 29 2.47 2.44 3.04
CA PHE A 29 3.88 2.23 2.67
C PHE A 29 4.51 1.35 3.71
N THR A 30 3.74 1.16 4.74
CA THR A 30 4.10 0.29 5.83
C THR A 30 3.47 -1.05 5.50
N ASP A 31 4.20 -1.87 4.78
CA ASP A 31 3.64 -2.97 4.06
C ASP A 31 4.04 -4.30 4.58
N PRO A 32 3.14 -5.24 4.37
CA PRO A 32 3.41 -6.64 4.62
C PRO A 32 4.58 -7.07 3.71
N ARG A 33 4.87 -6.19 2.71
CA ARG A 33 6.03 -6.30 1.85
C ARG A 33 7.34 -6.16 2.64
N LEU A 34 7.50 -5.05 3.35
CA LEU A 34 8.72 -4.78 4.11
C LEU A 34 8.92 -5.80 5.23
N SER A 35 7.84 -6.48 5.61
CA SER A 35 7.90 -7.50 6.64
C SER A 35 8.71 -8.71 6.16
N ALA A 36 8.82 -8.85 4.84
CA ALA A 36 9.56 -9.96 4.26
C ALA A 36 10.90 -9.50 3.70
N ASN A 37 11.03 -8.19 3.46
CA ASN A 37 12.25 -7.65 2.88
C ASN A 37 13.02 -6.86 3.93
N GLU B 1 2.45 6.87 7.91
CA GLU B 1 3.70 6.18 7.56
C GLU B 1 4.89 7.04 7.98
N LEU B 2 5.88 6.41 8.61
CA LEU B 2 7.12 7.08 8.98
C LEU B 2 7.92 7.38 7.72
N GLU B 3 7.61 6.62 6.68
CA GLU B 3 8.19 6.81 5.36
C GLU B 3 7.57 8.03 4.69
N SER B 4 8.29 8.62 3.75
CA SER B 4 7.82 9.78 3.00
C SER B 4 6.44 9.58 2.41
N PRO B 5 5.77 10.71 2.16
CA PRO B 5 4.35 10.77 1.77
C PRO B 5 3.99 9.82 0.63
N PRO B 6 3.06 8.88 0.88
CA PRO B 6 2.61 7.93 -0.12
C PRO B 6 1.51 8.50 -1.02
N PRO B 7 1.15 7.75 -2.08
CA PRO B 7 0.06 8.11 -3.01
C PRO B 7 -1.24 8.46 -2.27
N PRO B 8 -1.89 9.59 -2.66
CA PRO B 8 -3.19 9.99 -2.09
C PRO B 8 -4.24 8.90 -2.28
N TYR B 9 -5.14 8.76 -1.31
CA TYR B 9 -6.05 7.61 -1.30
C TYR B 9 -7.10 7.67 -2.41
N SER B 10 -6.77 6.99 -3.49
CA SER B 10 -7.72 6.58 -4.50
C SER B 10 -7.76 5.07 -4.41
N ARG B 11 -8.89 4.43 -4.73
CA ARG B 11 -9.02 2.99 -4.46
C ARG B 11 -7.92 2.24 -5.18
N TYR B 12 -7.81 2.48 -6.48
CA TYR B 12 -6.77 1.88 -7.29
C TYR B 12 -5.92 2.95 -7.92
N PRO B 13 -4.92 3.43 -7.18
CA PRO B 13 -4.04 4.51 -7.63
C PRO B 13 -3.10 4.01 -8.71
N MET B 14 -3.21 4.59 -9.90
CA MET B 14 -2.46 4.09 -11.05
C MET B 14 -1.05 4.66 -11.09
N ASP B 15 -0.09 3.76 -11.21
CA ASP B 15 1.32 4.12 -11.31
C ASP B 15 2.05 3.05 -12.07
N GLY A 1 -3.92 -14.48 -4.17
CA GLY A 1 -2.58 -14.52 -3.52
C GLY A 1 -2.70 -14.46 -2.01
N PRO A 2 -1.58 -14.29 -1.29
CA PRO A 2 -1.57 -14.21 0.17
C PRO A 2 -2.06 -12.87 0.70
N LEU A 3 -2.40 -11.97 -0.22
CA LEU A 3 -2.97 -10.69 0.14
C LEU A 3 -4.27 -10.90 0.90
N PRO A 4 -4.43 -10.27 2.07
CA PRO A 4 -5.67 -10.38 2.85
C PRO A 4 -6.81 -9.63 2.16
N PRO A 5 -8.04 -10.17 2.21
CA PRO A 5 -9.19 -9.63 1.46
C PRO A 5 -9.59 -8.21 1.86
N GLY A 6 -9.01 -7.71 2.94
CA GLY A 6 -9.28 -6.34 3.36
C GLY A 6 -8.23 -5.38 2.84
N TRP A 7 -7.13 -5.94 2.37
CA TRP A 7 -5.96 -5.16 1.97
C TRP A 7 -5.89 -4.98 0.47
N GLU A 8 -5.30 -3.87 0.04
CA GLU A 8 -5.23 -3.55 -1.39
C GLU A 8 -3.81 -3.15 -1.80
N ILE A 9 -3.13 -4.04 -2.51
CA ILE A 9 -1.69 -3.88 -2.73
C ILE A 9 -1.35 -3.22 -4.08
N ARG A 10 -0.51 -2.19 -4.03
CA ARG A 10 0.18 -1.69 -5.22
C ARG A 10 1.61 -1.27 -4.88
N ASN A 11 2.54 -1.67 -5.73
CA ASN A 11 3.92 -1.23 -5.61
C ASN A 11 4.13 -0.03 -6.54
N THR A 12 4.68 1.07 -6.01
CA THR A 12 4.93 2.24 -6.84
C THR A 12 6.31 2.14 -7.45
N ALA A 13 6.45 2.61 -8.69
CA ALA A 13 7.68 2.44 -9.47
C ALA A 13 8.89 3.07 -8.79
N THR A 14 8.66 3.92 -7.81
CA THR A 14 9.73 4.52 -7.04
C THR A 14 10.43 3.47 -6.18
N GLY A 15 9.76 2.33 -5.98
CA GLY A 15 10.34 1.25 -5.21
C GLY A 15 9.81 1.17 -3.79
N ARG A 16 8.51 1.40 -3.61
CA ARG A 16 7.88 1.32 -2.29
C ARG A 16 6.46 0.80 -2.46
N VAL A 17 5.95 0.04 -1.50
CA VAL A 17 4.66 -0.63 -1.70
C VAL A 17 3.58 -0.10 -0.74
N TYR A 18 2.68 0.73 -1.27
CA TYR A 18 1.56 1.24 -0.53
C TYR A 18 0.35 0.31 -0.69
N PHE A 19 -0.06 -0.27 0.40
CA PHE A 19 -1.28 -1.04 0.45
C PHE A 19 -2.37 -0.14 1.01
N VAL A 20 -3.42 0.10 0.25
CA VAL A 20 -4.49 0.90 0.77
C VAL A 20 -5.51 0.00 1.45
N ASP A 21 -5.88 0.31 2.69
CA ASP A 21 -6.90 -0.44 3.35
C ASP A 21 -8.23 0.22 3.04
N HIS A 22 -9.12 -0.49 2.36
CA HIS A 22 -10.45 0.05 2.08
C HIS A 22 -11.22 0.22 3.39
N ASN A 23 -10.79 -0.53 4.40
CA ASN A 23 -11.38 -0.47 5.73
C ASN A 23 -11.15 0.90 6.35
N ASN A 24 -9.92 1.38 6.22
CA ASN A 24 -9.52 2.64 6.83
C ASN A 24 -9.57 3.78 5.81
N ARG A 25 -9.67 3.43 4.53
CA ARG A 25 -9.70 4.41 3.44
C ARG A 25 -8.37 5.17 3.39
N THR A 26 -7.31 4.53 3.83
CA THR A 26 -6.02 5.19 3.93
C THR A 26 -4.93 4.33 3.28
N THR A 27 -3.96 4.98 2.65
CA THR A 27 -2.88 4.27 1.98
C THR A 27 -1.75 3.95 2.96
N GLN A 28 -1.10 2.81 2.75
CA GLN A 28 -0.05 2.37 3.66
C GLN A 28 1.26 2.08 2.94
N PHE A 29 2.18 3.04 2.94
CA PHE A 29 3.59 2.71 2.64
C PHE A 29 4.14 1.90 3.78
N THR A 30 3.33 1.86 4.80
CA THR A 30 3.61 1.04 5.96
C THR A 30 3.20 -0.37 5.58
N ASP A 31 4.12 -1.11 5.02
CA ASP A 31 3.77 -2.31 4.32
C ASP A 31 4.16 -3.56 5.04
N PRO A 32 3.37 -4.57 4.78
CA PRO A 32 3.67 -5.93 5.16
C PRO A 32 4.84 -6.41 4.30
N ARG A 33 5.11 -5.63 3.24
CA ARG A 33 6.24 -5.83 2.34
C ARG A 33 7.57 -5.74 3.10
N LEU A 34 7.66 -4.83 4.07
CA LEU A 34 8.87 -4.67 4.86
C LEU A 34 9.23 -5.95 5.62
N SER A 35 8.24 -6.79 5.84
CA SER A 35 8.44 -8.04 6.54
C SER A 35 9.03 -9.09 5.60
N ALA A 36 9.07 -8.77 4.31
CA ALA A 36 9.59 -9.67 3.31
C ALA A 36 11.01 -9.27 2.93
N ASN A 37 11.43 -8.10 3.39
CA ASN A 37 12.77 -7.60 3.09
C ASN A 37 13.68 -7.77 4.29
N GLU B 1 3.05 6.05 9.41
CA GLU B 1 4.04 5.57 8.42
C GLU B 1 5.40 6.21 8.69
N LEU B 2 6.43 5.37 8.77
CA LEU B 2 7.78 5.85 8.96
C LEU B 2 8.39 6.26 7.62
N GLU B 3 7.68 5.93 6.55
CA GLU B 3 8.15 6.17 5.21
C GLU B 3 7.55 7.47 4.65
N SER B 4 8.11 7.93 3.53
CA SER B 4 7.62 9.10 2.82
C SER B 4 6.14 8.99 2.47
N PRO B 5 5.53 10.17 2.34
CA PRO B 5 4.11 10.34 2.03
C PRO B 5 3.64 9.49 0.86
N PRO B 6 2.67 8.60 1.11
CA PRO B 6 2.14 7.69 0.09
C PRO B 6 1.08 8.35 -0.80
N PRO B 7 0.87 7.74 -1.99
CA PRO B 7 -0.16 8.14 -2.96
C PRO B 7 -1.55 8.35 -2.34
N PRO B 8 -2.24 9.44 -2.72
CA PRO B 8 -3.61 9.72 -2.27
C PRO B 8 -4.56 8.56 -2.55
N TYR B 9 -5.63 8.43 -1.76
CA TYR B 9 -6.48 7.26 -1.84
C TYR B 9 -7.38 7.28 -3.08
N SER B 10 -6.88 6.65 -4.12
CA SER B 10 -7.72 6.12 -5.17
C SER B 10 -7.72 4.62 -4.93
N ARG B 11 -8.79 3.92 -5.28
CA ARG B 11 -8.85 2.49 -4.94
C ARG B 11 -7.70 1.76 -5.58
N TYR B 12 -7.65 1.83 -6.90
CA TYR B 12 -6.59 1.20 -7.66
C TYR B 12 -5.85 2.25 -8.47
N PRO B 13 -4.91 2.94 -7.82
CA PRO B 13 -4.14 4.01 -8.46
C PRO B 13 -3.01 3.48 -9.33
N MET B 14 -3.18 3.53 -10.64
CA MET B 14 -2.17 3.04 -11.56
C MET B 14 -1.08 4.08 -11.76
N ASP B 15 0.13 3.74 -11.36
CA ASP B 15 1.27 4.62 -11.55
C ASP B 15 2.16 4.05 -12.65
N GLY A 1 -3.57 -17.36 -1.43
CA GLY A 1 -2.86 -16.13 -1.83
C GLY A 1 -2.24 -15.41 -0.66
N PRO A 2 -1.17 -14.65 -0.88
CA PRO A 2 -0.47 -13.93 0.18
C PRO A 2 -1.16 -12.61 0.54
N LEU A 3 -2.17 -12.25 -0.23
CA LEU A 3 -2.90 -11.00 -0.01
C LEU A 3 -4.22 -11.27 0.68
N PRO A 4 -4.50 -10.57 1.79
CA PRO A 4 -5.79 -10.68 2.47
C PRO A 4 -6.89 -9.99 1.66
N PRO A 5 -8.07 -10.62 1.54
CA PRO A 5 -9.19 -10.10 0.73
C PRO A 5 -9.72 -8.75 1.21
N GLY A 6 -9.26 -8.31 2.38
CA GLY A 6 -9.62 -7.00 2.89
C GLY A 6 -8.59 -5.95 2.53
N TRP A 7 -7.43 -6.42 2.09
CA TRP A 7 -6.29 -5.56 1.81
C TRP A 7 -6.14 -5.31 0.32
N GLU A 8 -5.60 -4.16 -0.04
CA GLU A 8 -5.39 -3.84 -1.45
C GLU A 8 -3.93 -3.44 -1.70
N ILE A 9 -3.24 -4.16 -2.59
CA ILE A 9 -1.81 -3.96 -2.77
C ILE A 9 -1.48 -3.31 -4.11
N ARG A 10 -0.69 -2.23 -4.07
CA ARG A 10 -0.15 -1.63 -5.29
C ARG A 10 1.26 -1.13 -5.03
N ASN A 11 2.09 -1.13 -6.07
CA ASN A 11 3.48 -0.76 -5.94
C ASN A 11 3.82 0.40 -6.89
N THR A 12 4.44 1.46 -6.38
CA THR A 12 4.83 2.59 -7.23
C THR A 12 6.24 2.37 -7.79
N ALA A 13 6.44 2.76 -9.04
CA ALA A 13 7.70 2.52 -9.76
C ALA A 13 8.88 3.20 -9.07
N THR A 14 8.58 4.12 -8.16
CA THR A 14 9.60 4.76 -7.34
C THR A 14 10.30 3.74 -6.43
N GLY A 15 9.69 2.57 -6.28
CA GLY A 15 10.29 1.51 -5.48
C GLY A 15 9.75 1.48 -4.07
N ARG A 16 8.46 1.73 -3.91
CA ARG A 16 7.83 1.76 -2.60
C ARG A 16 6.48 1.07 -2.67
N VAL A 17 6.12 0.31 -1.64
CA VAL A 17 4.85 -0.40 -1.65
C VAL A 17 3.87 0.20 -0.63
N TYR A 18 2.63 0.36 -1.05
CA TYR A 18 1.60 1.06 -0.32
C TYR A 18 0.31 0.26 -0.47
N PHE A 19 -0.18 -0.27 0.62
CA PHE A 19 -1.41 -1.03 0.60
C PHE A 19 -2.57 -0.15 0.98
N VAL A 20 -3.54 -0.01 0.13
CA VAL A 20 -4.66 0.80 0.47
C VAL A 20 -5.73 -0.07 1.16
N ASP A 21 -6.11 0.31 2.37
CA ASP A 21 -7.13 -0.41 3.09
C ASP A 21 -8.47 0.18 2.74
N HIS A 22 -9.33 -0.60 2.10
CA HIS A 22 -10.68 -0.13 1.78
C HIS A 22 -11.50 0.00 3.06
N ASN A 23 -10.99 -0.60 4.14
CA ASN A 23 -11.64 -0.56 5.43
C ASN A 23 -11.40 0.79 6.10
N ASN A 24 -10.16 1.27 6.00
CA ASN A 24 -9.78 2.50 6.65
C ASN A 24 -9.73 3.68 5.66
N ARG A 25 -9.75 3.36 4.36
CA ARG A 25 -9.64 4.38 3.31
C ARG A 25 -8.29 5.09 3.38
N THR A 26 -7.25 4.33 3.71
CA THR A 26 -5.91 4.88 3.86
C THR A 26 -4.88 4.07 3.07
N THR A 27 -3.81 4.71 2.59
CA THR A 27 -2.73 3.99 1.92
C THR A 27 -1.61 3.67 2.91
N GLN A 28 -0.93 2.55 2.70
CA GLN A 28 0.03 2.03 3.67
C GLN A 28 1.40 1.77 3.04
N PHE A 29 2.29 2.76 3.10
CA PHE A 29 3.72 2.50 2.89
C PHE A 29 4.23 1.68 4.05
N THR A 30 3.36 1.57 5.01
CA THR A 30 3.59 0.77 6.18
C THR A 30 3.07 -0.61 5.83
N ASP A 31 3.93 -1.42 5.29
CA ASP A 31 3.51 -2.56 4.52
C ASP A 31 3.94 -3.86 5.10
N PRO A 32 3.11 -4.84 4.82
CA PRO A 32 3.41 -6.23 5.08
C PRO A 32 4.58 -6.65 4.19
N ARG A 33 4.84 -5.79 3.19
CA ARG A 33 6.00 -5.92 2.31
C ARG A 33 7.31 -5.77 3.09
N LEU A 34 7.31 -4.92 4.10
CA LEU A 34 8.49 -4.71 4.92
C LEU A 34 8.75 -5.93 5.81
N SER A 35 7.73 -6.76 5.96
CA SER A 35 7.85 -7.99 6.74
C SER A 35 8.49 -9.10 5.91
N ALA A 36 8.63 -8.85 4.62
CA ALA A 36 9.23 -9.83 3.71
C ALA A 36 10.74 -9.66 3.65
N ASN A 37 11.22 -8.57 4.23
CA ASN A 37 12.65 -8.28 4.23
C ASN A 37 13.11 -7.98 5.66
N GLU B 1 3.61 7.29 8.29
CA GLU B 1 4.48 6.37 7.54
C GLU B 1 5.93 6.86 7.61
N LEU B 2 6.85 5.96 7.93
CA LEU B 2 8.26 6.31 7.99
C LEU B 2 8.78 6.67 6.59
N GLU B 3 8.20 6.03 5.59
CA GLU B 3 8.57 6.24 4.20
C GLU B 3 7.95 7.54 3.67
N SER B 4 8.45 8.00 2.54
CA SER B 4 7.96 9.20 1.86
C SER B 4 6.44 9.22 1.69
N PRO B 5 5.93 10.42 1.50
CA PRO B 5 4.52 10.69 1.28
C PRO B 5 3.90 9.77 0.22
N PRO B 6 2.89 8.97 0.61
CA PRO B 6 2.28 7.99 -0.28
C PRO B 6 1.13 8.53 -1.12
N PRO B 7 0.81 7.81 -2.21
CA PRO B 7 -0.30 8.14 -3.12
C PRO B 7 -1.61 8.42 -2.38
N PRO B 8 -2.27 9.55 -2.69
CA PRO B 8 -3.60 9.89 -2.16
C PRO B 8 -4.58 8.75 -2.36
N TYR B 9 -5.54 8.61 -1.45
CA TYR B 9 -6.37 7.41 -1.44
C TYR B 9 -7.33 7.32 -2.63
N SER B 10 -6.86 6.66 -3.66
CA SER B 10 -7.70 6.13 -4.70
C SER B 10 -7.73 4.63 -4.48
N ARG B 11 -8.80 3.95 -4.86
CA ARG B 11 -8.90 2.52 -4.58
C ARG B 11 -7.74 1.81 -5.25
N TYR B 12 -7.55 2.11 -6.52
CA TYR B 12 -6.45 1.56 -7.29
C TYR B 12 -5.57 2.68 -7.81
N PRO B 13 -4.68 3.19 -6.96
CA PRO B 13 -3.82 4.32 -7.30
C PRO B 13 -2.62 3.89 -8.16
N MET B 14 -2.52 4.45 -9.35
CA MET B 14 -1.46 4.09 -10.28
C MET B 14 -0.38 5.15 -10.29
N ASP B 15 0.72 4.86 -9.59
CA ASP B 15 1.91 5.73 -9.53
C ASP B 15 1.55 7.19 -9.28
N GLY A 1 2.27 -15.87 -0.99
CA GLY A 1 1.79 -14.79 -0.09
C GLY A 1 0.38 -14.36 -0.42
N PRO A 2 -0.61 -14.89 0.31
CA PRO A 2 -2.03 -14.60 0.06
C PRO A 2 -2.38 -13.14 0.42
N LEU A 3 -2.91 -12.38 -0.54
CA LEU A 3 -3.37 -11.03 -0.28
C LEU A 3 -4.75 -11.07 0.36
N PRO A 4 -4.95 -10.37 1.48
CA PRO A 4 -6.25 -10.33 2.16
C PRO A 4 -7.31 -9.58 1.35
N PRO A 5 -8.58 -10.02 1.39
CA PRO A 5 -9.65 -9.44 0.57
C PRO A 5 -9.99 -7.99 0.93
N GLY A 6 -9.60 -7.57 2.11
CA GLY A 6 -9.82 -6.19 2.54
C GLY A 6 -8.68 -5.29 2.14
N TRP A 7 -7.57 -5.90 1.76
CA TRP A 7 -6.34 -5.18 1.46
C TRP A 7 -6.17 -4.97 -0.04
N GLU A 8 -5.51 -3.89 -0.38
CA GLU A 8 -5.39 -3.48 -1.79
C GLU A 8 -3.94 -3.14 -2.14
N ILE A 9 -3.26 -4.05 -2.83
CA ILE A 9 -1.82 -3.91 -3.07
C ILE A 9 -1.52 -3.15 -4.36
N ARG A 10 -0.79 -2.04 -4.24
CA ARG A 10 -0.28 -1.32 -5.40
C ARG A 10 1.15 -0.88 -5.14
N ASN A 11 1.96 -0.81 -6.19
CA ASN A 11 3.36 -0.46 -6.07
C ASN A 11 3.68 0.79 -6.90
N THR A 12 4.43 1.74 -6.33
CA THR A 12 4.79 2.96 -7.03
C THR A 12 6.10 2.75 -7.79
N ALA A 13 6.26 3.45 -8.90
CA ALA A 13 7.40 3.28 -9.81
C ALA A 13 8.74 3.60 -9.13
N THR A 14 8.68 4.26 -7.98
CA THR A 14 9.89 4.53 -7.21
C THR A 14 10.35 3.27 -6.48
N GLY A 15 9.48 2.27 -6.39
CA GLY A 15 9.80 1.04 -5.70
C GLY A 15 9.28 1.02 -4.28
N ARG A 16 8.01 1.37 -4.13
CA ARG A 16 7.40 1.42 -2.79
C ARG A 16 6.00 0.81 -2.85
N VAL A 17 5.67 -0.08 -1.92
CA VAL A 17 4.41 -0.81 -1.99
C VAL A 17 3.39 -0.30 -0.97
N TYR A 18 2.50 0.57 -1.42
CA TYR A 18 1.38 1.08 -0.65
C TYR A 18 0.16 0.19 -0.85
N PHE A 19 -0.23 -0.48 0.21
CA PHE A 19 -1.47 -1.23 0.22
C PHE A 19 -2.53 -0.34 0.81
N VAL A 20 -3.58 -0.04 0.08
CA VAL A 20 -4.62 0.77 0.64
C VAL A 20 -5.65 -0.14 1.31
N ASP A 21 -6.00 0.15 2.55
CA ASP A 21 -7.00 -0.65 3.22
C ASP A 21 -8.33 -0.01 2.90
N HIS A 22 -9.22 -0.73 2.24
CA HIS A 22 -10.52 -0.18 1.88
C HIS A 22 -11.43 -0.08 3.10
N ASN A 23 -11.07 -0.77 4.16
CA ASN A 23 -11.81 -0.69 5.41
C ASN A 23 -11.31 0.48 6.24
N ASN A 24 -10.02 0.78 6.12
CA ASN A 24 -9.39 1.87 6.85
C ASN A 24 -9.37 3.14 6.00
N ARG A 25 -9.58 2.98 4.70
CA ARG A 25 -9.60 4.09 3.75
C ARG A 25 -8.28 4.86 3.77
N THR A 26 -7.20 4.14 4.04
CA THR A 26 -5.88 4.75 4.14
C THR A 26 -4.86 3.98 3.30
N THR A 27 -3.93 4.68 2.68
CA THR A 27 -2.89 4.04 1.89
C THR A 27 -1.69 3.69 2.77
N GLN A 28 -1.12 2.50 2.58
CA GLN A 28 -0.10 1.99 3.48
C GLN A 28 1.23 1.69 2.78
N PHE A 29 2.18 2.61 2.86
CA PHE A 29 3.58 2.25 2.66
C PHE A 29 4.02 1.43 3.85
N THR A 30 3.13 1.43 4.80
CA THR A 30 3.25 0.61 5.98
C THR A 30 2.80 -0.78 5.57
N ASP A 31 3.74 -1.57 5.10
CA ASP A 31 3.40 -2.73 4.32
C ASP A 31 3.76 -4.03 4.95
N PRO A 32 2.96 -5.02 4.60
CA PRO A 32 3.24 -6.41 4.88
C PRO A 32 4.48 -6.83 4.08
N ARG A 33 4.83 -5.96 3.11
CA ARG A 33 6.06 -6.10 2.32
C ARG A 33 7.31 -6.05 3.19
N LEU A 34 7.23 -5.32 4.31
CA LEU A 34 8.38 -5.13 5.19
C LEU A 34 8.62 -6.33 6.11
N SER A 35 7.66 -7.26 6.15
CA SER A 35 7.77 -8.42 7.03
C SER A 35 8.89 -9.37 6.58
N ALA A 36 9.43 -9.12 5.39
CA ALA A 36 10.50 -9.93 4.85
C ALA A 36 11.86 -9.45 5.33
N ASN A 37 11.88 -8.29 5.97
CA ASN A 37 13.13 -7.70 6.44
C ASN A 37 13.43 -8.16 7.87
N GLU B 1 4.63 7.16 8.00
CA GLU B 1 5.32 6.07 7.26
C GLU B 1 6.81 6.36 7.21
N LEU B 2 7.62 5.33 7.41
CA LEU B 2 9.08 5.47 7.37
C LEU B 2 9.53 5.85 5.96
N GLU B 3 8.71 5.51 5.00
CA GLU B 3 8.96 5.85 3.60
C GLU B 3 8.21 7.14 3.26
N SER B 4 8.60 7.74 2.14
CA SER B 4 7.96 8.95 1.63
C SER B 4 6.44 8.83 1.59
N PRO B 5 5.82 10.00 1.71
CA PRO B 5 4.36 10.17 1.76
C PRO B 5 3.66 9.43 0.63
N PRO B 6 2.72 8.52 0.97
CA PRO B 6 2.08 7.67 -0.02
C PRO B 6 1.01 8.36 -0.84
N PRO B 7 0.71 7.77 -2.01
CA PRO B 7 -0.33 8.25 -2.93
C PRO B 7 -1.67 8.53 -2.24
N PRO B 8 -2.33 9.64 -2.59
CA PRO B 8 -3.67 9.95 -2.09
C PRO B 8 -4.65 8.82 -2.39
N TYR B 9 -5.51 8.49 -1.42
CA TYR B 9 -6.37 7.32 -1.56
C TYR B 9 -7.42 7.49 -2.67
N SER B 10 -7.03 7.06 -3.84
CA SER B 10 -7.94 6.66 -4.88
C SER B 10 -7.99 5.15 -4.80
N ARG B 11 -9.10 4.51 -5.16
CA ARG B 11 -9.25 3.08 -4.88
C ARG B 11 -8.12 2.31 -5.55
N TYR B 12 -7.97 2.54 -6.84
CA TYR B 12 -6.88 1.96 -7.60
C TYR B 12 -6.02 3.05 -8.21
N PRO B 13 -5.10 3.61 -7.43
CA PRO B 13 -4.25 4.71 -7.86
C PRO B 13 -3.10 4.24 -8.75
N MET B 14 -2.97 4.86 -9.92
CA MET B 14 -1.85 4.58 -10.79
C MET B 14 -0.65 5.40 -10.34
N ASP B 15 0.25 4.73 -9.60
CA ASP B 15 1.44 5.37 -9.03
C ASP B 15 1.03 6.54 -8.13
N GLY A 1 2.92 -14.38 0.49
CA GLY A 1 1.80 -14.09 1.42
C GLY A 1 0.50 -13.85 0.68
N PRO A 2 -0.59 -14.49 1.11
CA PRO A 2 -1.89 -14.35 0.47
C PRO A 2 -2.47 -12.93 0.66
N LEU A 3 -2.87 -12.26 -0.43
CA LEU A 3 -3.48 -10.95 -0.33
C LEU A 3 -4.81 -11.05 0.39
N PRO A 4 -4.98 -10.32 1.50
CA PRO A 4 -6.23 -10.36 2.28
C PRO A 4 -7.39 -9.73 1.51
N PRO A 5 -8.61 -10.30 1.64
CA PRO A 5 -9.80 -9.87 0.88
C PRO A 5 -10.21 -8.41 1.12
N GLY A 6 -9.72 -7.83 2.21
CA GLY A 6 -10.00 -6.44 2.51
C GLY A 6 -8.90 -5.51 2.05
N TRP A 7 -7.74 -6.09 1.75
CA TRP A 7 -6.55 -5.33 1.44
C TRP A 7 -6.38 -5.14 -0.05
N GLU A 8 -5.74 -4.03 -0.44
CA GLU A 8 -5.51 -3.76 -1.85
C GLU A 8 -4.04 -3.42 -2.08
N ILE A 9 -3.36 -4.15 -2.96
CA ILE A 9 -1.92 -4.02 -3.11
C ILE A 9 -1.53 -3.33 -4.42
N ARG A 10 -0.75 -2.25 -4.33
CA ARG A 10 -0.20 -1.60 -5.50
C ARG A 10 1.22 -1.09 -5.26
N ASN A 11 2.06 -1.24 -6.28
CA ASN A 11 3.44 -0.82 -6.20
C ASN A 11 3.65 0.48 -7.00
N THR A 12 4.32 1.46 -6.43
CA THR A 12 4.59 2.71 -7.12
C THR A 12 5.93 2.63 -7.84
N ALA A 13 6.01 3.31 -8.99
CA ALA A 13 7.21 3.25 -9.85
C ALA A 13 8.45 3.74 -9.12
N THR A 14 8.25 4.53 -8.07
CA THR A 14 9.34 5.01 -7.25
C THR A 14 10.03 3.87 -6.49
N GLY A 15 9.37 2.72 -6.42
CA GLY A 15 9.93 1.57 -5.74
C GLY A 15 9.41 1.44 -4.32
N ARG A 16 8.10 1.64 -4.15
CA ARG A 16 7.49 1.57 -2.82
C ARG A 16 6.14 0.86 -2.94
N VAL A 17 5.76 0.06 -1.95
CA VAL A 17 4.53 -0.72 -2.07
C VAL A 17 3.46 -0.25 -1.07
N TYR A 18 2.57 0.61 -1.55
CA TYR A 18 1.47 1.15 -0.79
C TYR A 18 0.25 0.25 -0.92
N PHE A 19 -0.19 -0.29 0.18
CA PHE A 19 -1.41 -1.08 0.20
C PHE A 19 -2.57 -0.20 0.61
N VAL A 20 -3.53 -0.01 -0.27
CA VAL A 20 -4.65 0.81 0.07
C VAL A 20 -5.74 -0.07 0.71
N ASP A 21 -6.07 0.21 1.97
CA ASP A 21 -7.05 -0.57 2.67
C ASP A 21 -8.40 0.05 2.42
N HIS A 22 -9.30 -0.70 1.77
CA HIS A 22 -10.67 -0.24 1.58
C HIS A 22 -11.38 -0.22 2.93
N ASN A 23 -10.77 -0.90 3.90
CA ASN A 23 -11.28 -0.94 5.26
C ASN A 23 -11.22 0.42 5.91
N ASN A 24 -10.02 1.00 5.93
CA ASN A 24 -9.75 2.24 6.66
C ASN A 24 -9.70 3.46 5.73
N ARG A 25 -9.60 3.21 4.42
CA ARG A 25 -9.44 4.27 3.42
C ARG A 25 -8.04 4.90 3.55
N THR A 26 -7.05 4.05 3.77
CA THR A 26 -5.68 4.50 4.00
C THR A 26 -4.72 3.78 3.09
N THR A 27 -3.62 4.42 2.73
CA THR A 27 -2.61 3.76 1.91
C THR A 27 -1.38 3.42 2.76
N GLN A 28 -0.80 2.24 2.52
CA GLN A 28 0.20 1.68 3.39
C GLN A 28 1.55 1.47 2.68
N PHE A 29 2.44 2.46 2.76
CA PHE A 29 3.87 2.24 2.50
C PHE A 29 4.44 1.49 3.67
N THR A 30 3.60 1.42 4.65
CA THR A 30 3.85 0.64 5.83
C THR A 30 3.24 -0.74 5.54
N ASP A 31 4.05 -1.61 4.96
CA ASP A 31 3.55 -2.71 4.17
C ASP A 31 3.99 -4.05 4.66
N PRO A 32 3.14 -5.02 4.39
CA PRO A 32 3.44 -6.42 4.61
C PRO A 32 4.62 -6.82 3.73
N ARG A 33 4.93 -5.96 2.75
CA ARG A 33 6.10 -6.10 1.90
C ARG A 33 7.40 -6.02 2.72
N LEU A 34 7.50 -5.00 3.57
CA LEU A 34 8.67 -4.83 4.43
C LEU A 34 8.72 -5.91 5.51
N SER A 35 7.58 -6.54 5.78
CA SER A 35 7.47 -7.59 6.78
C SER A 35 8.28 -8.83 6.40
N ALA A 36 8.76 -8.85 5.16
CA ALA A 36 9.57 -9.96 4.66
C ALA A 36 10.89 -10.07 5.41
N ASN A 37 11.37 -8.95 5.94
CA ASN A 37 12.60 -8.94 6.72
C ASN A 37 12.27 -8.77 8.20
N GLU B 1 4.69 5.17 9.59
CA GLU B 1 5.45 4.91 8.35
C GLU B 1 6.64 5.88 8.24
N LEU B 2 7.83 5.32 8.17
CA LEU B 2 9.05 6.13 8.07
C LEU B 2 9.32 6.46 6.60
N GLU B 3 8.57 5.82 5.71
CA GLU B 3 8.74 6.00 4.28
C GLU B 3 8.07 7.29 3.81
N SER B 4 8.56 7.81 2.70
CA SER B 4 8.04 9.02 2.07
C SER B 4 6.53 8.98 1.88
N PRO B 5 5.97 10.18 1.81
CA PRO B 5 4.53 10.43 1.67
C PRO B 5 3.91 9.58 0.54
N PRO B 6 2.87 8.78 0.87
CA PRO B 6 2.26 7.87 -0.08
C PRO B 6 1.16 8.51 -0.94
N PRO B 7 0.77 7.81 -2.02
CA PRO B 7 -0.30 8.24 -2.94
C PRO B 7 -1.60 8.59 -2.22
N PRO B 8 -2.28 9.68 -2.65
CA PRO B 8 -3.63 10.02 -2.18
C PRO B 8 -4.57 8.83 -2.36
N TYR B 9 -5.48 8.61 -1.41
CA TYR B 9 -6.29 7.40 -1.43
C TYR B 9 -7.32 7.40 -2.56
N SER B 10 -6.94 6.75 -3.64
CA SER B 10 -7.88 6.31 -4.65
C SER B 10 -8.00 4.81 -4.49
N ARG B 11 -9.15 4.23 -4.81
CA ARG B 11 -9.33 2.80 -4.59
C ARG B 11 -8.28 2.05 -5.39
N TYR B 12 -8.16 2.41 -6.65
CA TYR B 12 -7.13 1.89 -7.52
C TYR B 12 -6.27 3.02 -8.03
N PRO B 13 -5.22 3.35 -7.28
CA PRO B 13 -4.31 4.43 -7.62
C PRO B 13 -3.20 4.00 -8.57
N MET B 14 -2.87 4.86 -9.52
CA MET B 14 -1.81 4.57 -10.47
C MET B 14 -0.75 5.68 -10.42
N ASP B 15 0.49 5.29 -10.16
CA ASP B 15 1.58 6.26 -10.08
C ASP B 15 2.91 5.60 -10.44
N GLY A 1 1.00 -15.75 -2.01
CA GLY A 1 0.91 -14.97 -0.75
C GLY A 1 -0.51 -14.58 -0.44
N PRO A 2 -1.05 -15.03 0.71
CA PRO A 2 -2.42 -14.70 1.11
C PRO A 2 -2.65 -13.19 1.23
N LEU A 3 -3.30 -12.61 0.23
CA LEU A 3 -3.64 -11.20 0.26
C LEU A 3 -5.06 -11.04 0.77
N PRO A 4 -5.27 -10.27 1.85
CA PRO A 4 -6.60 -10.11 2.44
C PRO A 4 -7.51 -9.28 1.53
N PRO A 5 -8.77 -9.71 1.34
CA PRO A 5 -9.72 -9.05 0.43
C PRO A 5 -10.09 -7.62 0.85
N GLY A 6 -9.84 -7.30 2.11
CA GLY A 6 -10.06 -5.95 2.59
C GLY A 6 -8.86 -5.06 2.35
N TRP A 7 -7.75 -5.72 2.06
CA TRP A 7 -6.47 -5.06 1.82
C TRP A 7 -6.23 -4.87 0.33
N GLU A 8 -5.51 -3.83 -0.02
CA GLU A 8 -5.24 -3.55 -1.43
C GLU A 8 -3.75 -3.33 -1.68
N ILE A 9 -3.14 -4.21 -2.47
CA ILE A 9 -1.69 -4.18 -2.68
C ILE A 9 -1.35 -3.29 -3.88
N ARG A 10 -0.55 -2.25 -3.64
CA ARG A 10 -0.33 -1.21 -4.64
C ARG A 10 1.08 -0.64 -4.50
N ASN A 11 1.80 -0.63 -5.61
CA ASN A 11 3.22 -0.29 -5.57
C ASN A 11 3.51 0.92 -6.47
N THR A 12 4.32 1.85 -5.98
CA THR A 12 4.70 3.01 -6.79
C THR A 12 6.01 2.73 -7.51
N ALA A 13 6.18 3.33 -8.69
CA ALA A 13 7.36 3.11 -9.53
C ALA A 13 8.65 3.50 -8.80
N THR A 14 8.53 4.34 -7.78
CA THR A 14 9.67 4.70 -6.94
C THR A 14 10.18 3.47 -6.16
N GLY A 15 9.36 2.42 -6.10
CA GLY A 15 9.76 1.20 -5.44
C GLY A 15 9.27 1.13 -4.01
N ARG A 16 8.00 1.44 -3.80
CA ARG A 16 7.43 1.44 -2.45
C ARG A 16 6.03 0.83 -2.48
N VAL A 17 5.72 -0.04 -1.52
CA VAL A 17 4.45 -0.74 -1.54
C VAL A 17 3.47 -0.21 -0.48
N TYR A 18 2.59 0.66 -0.92
CA TYR A 18 1.47 1.15 -0.15
C TYR A 18 0.25 0.25 -0.37
N PHE A 19 -0.25 -0.29 0.70
CA PHE A 19 -1.48 -1.04 0.65
C PHE A 19 -2.61 -0.16 1.10
N VAL A 20 -3.57 0.08 0.25
CA VAL A 20 -4.68 0.90 0.65
C VAL A 20 -5.77 0.00 1.26
N ASP A 21 -6.16 0.27 2.50
CA ASP A 21 -7.16 -0.54 3.15
C ASP A 21 -8.51 0.06 2.83
N HIS A 22 -9.39 -0.72 2.21
CA HIS A 22 -10.73 -0.22 1.87
C HIS A 22 -11.57 -0.12 3.13
N ASN A 23 -11.11 -0.75 4.21
CA ASN A 23 -11.79 -0.71 5.49
C ASN A 23 -11.73 0.69 6.10
N ASN A 24 -10.53 1.18 6.35
CA ASN A 24 -10.36 2.49 6.99
C ASN A 24 -10.14 3.58 5.95
N ARG A 25 -9.82 3.16 4.72
CA ARG A 25 -9.59 4.07 3.60
C ARG A 25 -8.27 4.82 3.77
N THR A 26 -7.21 4.08 4.04
CA THR A 26 -5.89 4.65 4.25
C THR A 26 -4.85 3.93 3.40
N THR A 27 -3.78 4.62 2.99
CA THR A 27 -2.72 3.96 2.26
C THR A 27 -1.56 3.63 3.20
N GLN A 28 -0.96 2.45 3.01
CA GLN A 28 -0.01 1.91 3.98
C GLN A 28 1.32 1.54 3.32
N PHE A 29 2.31 2.44 3.41
CA PHE A 29 3.69 2.07 3.07
C PHE A 29 4.23 1.20 4.16
N THR A 30 3.46 1.16 5.20
CA THR A 30 3.71 0.24 6.29
C THR A 30 3.11 -1.09 5.87
N ASP A 31 3.90 -1.89 5.20
CA ASP A 31 3.39 -2.96 4.40
C ASP A 31 3.66 -4.32 4.95
N PRO A 32 2.76 -5.20 4.61
CA PRO A 32 2.95 -6.62 4.79
C PRO A 32 4.13 -7.06 3.90
N ARG A 33 4.48 -6.16 2.96
CA ARG A 33 5.66 -6.31 2.10
C ARG A 33 6.97 -6.03 2.86
N LEU A 34 6.87 -5.49 4.07
CA LEU A 34 8.04 -5.16 4.89
C LEU A 34 8.82 -6.43 5.24
N SER A 35 8.19 -7.57 5.08
CA SER A 35 8.83 -8.86 5.35
C SER A 35 9.91 -9.16 4.31
N ALA A 36 9.99 -8.35 3.26
CA ALA A 36 10.98 -8.56 2.21
C ALA A 36 12.38 -8.29 2.71
N ASN A 37 12.50 -7.38 3.68
CA ASN A 37 13.80 -7.04 4.26
C ASN A 37 13.91 -7.62 5.66
N GLU B 1 3.11 7.30 7.89
CA GLU B 1 4.01 6.28 7.29
C GLU B 1 5.47 6.66 7.53
N LEU B 2 6.28 5.64 7.85
CA LEU B 2 7.70 5.85 8.11
C LEU B 2 8.45 6.16 6.82
N GLU B 3 7.84 5.81 5.69
CA GLU B 3 8.43 6.06 4.38
C GLU B 3 7.95 7.41 3.85
N SER B 4 8.56 7.84 2.74
CA SER B 4 8.17 9.07 2.06
C SER B 4 6.68 9.18 1.82
N PRO B 5 6.23 10.42 1.64
CA PRO B 5 4.82 10.77 1.49
C PRO B 5 4.12 9.87 0.47
N PRO B 6 3.08 9.14 0.91
CA PRO B 6 2.42 8.15 0.08
C PRO B 6 1.28 8.72 -0.77
N PRO B 7 0.88 7.94 -1.80
CA PRO B 7 -0.23 8.28 -2.69
C PRO B 7 -1.50 8.68 -1.94
N PRO B 8 -2.15 9.78 -2.34
CA PRO B 8 -3.48 10.12 -1.84
C PRO B 8 -4.45 8.96 -2.07
N TYR B 9 -5.46 8.82 -1.23
CA TYR B 9 -6.29 7.62 -1.27
C TYR B 9 -7.15 7.54 -2.53
N SER B 10 -6.57 6.90 -3.52
CA SER B 10 -7.30 6.45 -4.68
C SER B 10 -7.40 4.94 -4.59
N ARG B 11 -8.51 4.36 -5.02
CA ARG B 11 -8.70 2.92 -4.86
C ARG B 11 -7.60 2.17 -5.58
N TYR B 12 -7.50 2.39 -6.90
CA TYR B 12 -6.53 1.67 -7.70
C TYR B 12 -5.57 2.62 -8.39
N PRO B 13 -4.39 2.73 -7.79
CA PRO B 13 -3.31 3.56 -8.24
C PRO B 13 -2.26 2.78 -9.04
N MET B 14 -2.08 3.17 -10.30
CA MET B 14 -1.08 2.56 -11.15
C MET B 14 -0.24 3.64 -11.82
N ASP B 15 1.04 3.72 -11.45
CA ASP B 15 1.93 4.74 -11.95
C ASP B 15 3.15 4.10 -12.60
N GLY A 1 -4.95 -15.18 -3.00
CA GLY A 1 -3.58 -15.30 -2.46
C GLY A 1 -3.54 -15.10 -0.96
N PRO A 2 -2.33 -15.06 -0.37
CA PRO A 2 -2.16 -14.83 1.08
C PRO A 2 -2.50 -13.40 1.49
N LEU A 3 -2.75 -12.55 0.50
CA LEU A 3 -3.11 -11.17 0.74
C LEU A 3 -4.50 -11.11 1.38
N PRO A 4 -4.68 -10.29 2.42
CA PRO A 4 -5.97 -10.15 3.10
C PRO A 4 -7.03 -9.55 2.17
N PRO A 5 -8.24 -10.14 2.13
CA PRO A 5 -9.30 -9.72 1.20
C PRO A 5 -9.73 -8.26 1.36
N GLY A 6 -9.43 -7.68 2.51
CA GLY A 6 -9.75 -6.29 2.75
C GLY A 6 -8.63 -5.38 2.29
N TRP A 7 -7.47 -5.97 2.05
CA TRP A 7 -6.27 -5.24 1.73
C TRP A 7 -6.05 -5.17 0.22
N GLU A 8 -5.41 -4.10 -0.22
CA GLU A 8 -5.15 -3.90 -1.65
C GLU A 8 -3.70 -3.48 -1.87
N ILE A 9 -3.00 -4.19 -2.74
CA ILE A 9 -1.56 -4.00 -2.86
C ILE A 9 -1.18 -3.27 -4.15
N ARG A 10 -0.38 -2.20 -4.01
CA ARG A 10 0.19 -1.52 -5.16
C ARG A 10 1.60 -1.02 -4.86
N ASN A 11 2.41 -0.96 -5.91
CA ASN A 11 3.79 -0.50 -5.78
C ASN A 11 4.02 0.72 -6.67
N THR A 12 4.72 1.73 -6.17
CA THR A 12 5.05 2.91 -6.95
C THR A 12 6.36 2.69 -7.68
N ALA A 13 6.51 3.33 -8.85
CA ALA A 13 7.70 3.17 -9.70
C ALA A 13 8.96 3.60 -8.97
N THR A 14 8.78 4.38 -7.92
CA THR A 14 9.88 4.81 -7.07
C THR A 14 10.45 3.65 -6.25
N GLY A 15 9.70 2.55 -6.18
CA GLY A 15 10.15 1.37 -5.47
C GLY A 15 9.60 1.31 -4.07
N ARG A 16 8.31 1.59 -3.92
CA ARG A 16 7.69 1.61 -2.60
C ARG A 16 6.30 0.97 -2.66
N VAL A 17 6.00 0.09 -1.74
CA VAL A 17 4.75 -0.67 -1.80
C VAL A 17 3.69 -0.14 -0.81
N TYR A 18 2.83 0.73 -1.31
CA TYR A 18 1.72 1.27 -0.58
C TYR A 18 0.48 0.39 -0.74
N PHE A 19 0.06 -0.21 0.34
CA PHE A 19 -1.15 -1.00 0.35
C PHE A 19 -2.33 -0.11 0.72
N VAL A 20 -3.28 0.02 -0.17
CA VAL A 20 -4.45 0.80 0.15
C VAL A 20 -5.50 -0.10 0.79
N ASP A 21 -5.89 0.20 2.03
CA ASP A 21 -6.81 -0.64 2.76
C ASP A 21 -8.20 -0.17 2.46
N HIS A 22 -9.03 -1.04 1.91
CA HIS A 22 -10.43 -0.71 1.66
C HIS A 22 -11.18 -0.59 2.99
N ASN A 23 -10.56 -1.10 4.06
CA ASN A 23 -11.13 -1.02 5.39
C ASN A 23 -11.04 0.40 5.94
N ASN A 24 -9.82 0.87 6.14
CA ASN A 24 -9.58 2.19 6.73
C ASN A 24 -9.60 3.27 5.66
N ARG A 25 -9.51 2.83 4.40
CA ARG A 25 -9.45 3.73 3.24
C ARG A 25 -8.16 4.55 3.32
N THR A 26 -7.08 3.87 3.63
CA THR A 26 -5.78 4.52 3.81
C THR A 26 -4.69 3.83 3.00
N THR A 27 -3.68 4.57 2.56
CA THR A 27 -2.57 3.96 1.83
C THR A 27 -1.40 3.67 2.77
N GLN A 28 -0.71 2.56 2.53
CA GLN A 28 0.28 2.05 3.46
C GLN A 28 1.64 1.80 2.82
N PHE A 29 2.54 2.78 2.92
CA PHE A 29 3.96 2.50 2.74
C PHE A 29 4.46 1.75 3.94
N THR A 30 3.58 1.71 4.89
CA THR A 30 3.77 0.95 6.10
C THR A 30 3.21 -0.43 5.83
N ASP A 31 4.06 -1.30 5.33
CA ASP A 31 3.61 -2.43 4.56
C ASP A 31 3.97 -3.75 5.14
N PRO A 32 3.12 -4.72 4.83
CA PRO A 32 3.38 -6.11 5.07
C PRO A 32 4.60 -6.53 4.23
N ARG A 33 4.95 -5.66 3.26
CA ARG A 33 6.17 -5.80 2.48
C ARG A 33 7.41 -5.71 3.36
N LEU A 34 7.29 -4.99 4.47
CA LEU A 34 8.39 -4.87 5.43
C LEU A 34 8.69 -6.24 6.07
N SER A 35 7.70 -7.11 6.02
CA SER A 35 7.85 -8.46 6.55
C SER A 35 8.64 -9.33 5.59
N ALA A 36 8.84 -8.84 4.37
CA ALA A 36 9.58 -9.57 3.36
C ALA A 36 11.06 -9.25 3.43
N ASN A 37 11.40 -8.18 4.12
CA ASN A 37 12.79 -7.78 4.29
C ASN A 37 13.18 -7.86 5.76
N GLU B 1 4.04 8.09 8.56
CA GLU B 1 4.67 6.81 8.16
C GLU B 1 6.19 6.99 8.04
N LEU B 2 6.91 5.88 8.20
CA LEU B 2 8.37 5.91 8.20
C LEU B 2 8.94 6.30 6.83
N GLU B 3 8.14 6.12 5.80
CA GLU B 3 8.57 6.42 4.43
C GLU B 3 7.84 7.67 3.93
N SER B 4 8.34 8.23 2.82
CA SER B 4 7.75 9.40 2.19
C SER B 4 6.25 9.26 1.96
N PRO B 5 5.61 10.42 1.94
CA PRO B 5 4.17 10.58 1.78
C PRO B 5 3.62 9.75 0.62
N PRO B 6 2.69 8.82 0.89
CA PRO B 6 2.15 7.91 -0.10
C PRO B 6 1.02 8.50 -0.94
N PRO B 7 0.79 7.90 -2.12
CA PRO B 7 -0.31 8.26 -3.02
C PRO B 7 -1.66 8.36 -2.30
N PRO B 8 -2.42 9.46 -2.56
CA PRO B 8 -3.76 9.67 -2.00
C PRO B 8 -4.68 8.47 -2.26
N TYR B 9 -5.64 8.24 -1.36
CA TYR B 9 -6.42 7.02 -1.42
C TYR B 9 -7.42 7.01 -2.58
N SER B 10 -6.95 6.48 -3.68
CA SER B 10 -7.79 5.99 -4.74
C SER B 10 -7.72 4.48 -4.63
N ARG B 11 -8.77 3.75 -5.01
CA ARG B 11 -8.77 2.31 -4.79
C ARG B 11 -7.59 1.69 -5.51
N TYR B 12 -7.50 1.96 -6.80
CA TYR B 12 -6.40 1.45 -7.61
C TYR B 12 -5.63 2.62 -8.21
N PRO B 13 -4.76 3.24 -7.40
CA PRO B 13 -4.00 4.43 -7.77
C PRO B 13 -2.89 4.13 -8.77
N MET B 14 -3.11 4.52 -10.02
CA MET B 14 -2.13 4.25 -11.08
C MET B 14 -0.95 5.21 -10.98
N ASP B 15 0.23 4.63 -10.80
CA ASP B 15 1.45 5.41 -10.68
C ASP B 15 2.35 5.20 -11.88
N GLY A 1 3.17 -14.36 0.45
CA GLY A 1 2.29 -13.65 1.40
C GLY A 1 0.84 -13.67 0.95
N PRO A 2 -0.06 -14.24 1.76
CA PRO A 2 -1.49 -14.33 1.43
C PRO A 2 -2.14 -12.93 1.41
N LEU A 3 -2.58 -12.47 0.24
CA LEU A 3 -3.22 -11.17 0.13
C LEU A 3 -4.63 -11.22 0.69
N PRO A 4 -4.90 -10.47 1.76
CA PRO A 4 -6.23 -10.43 2.39
C PRO A 4 -7.26 -9.78 1.47
N PRO A 5 -8.51 -10.30 1.49
CA PRO A 5 -9.57 -9.85 0.57
C PRO A 5 -10.00 -8.40 0.77
N GLY A 6 -9.67 -7.84 1.94
CA GLY A 6 -10.00 -6.46 2.22
C GLY A 6 -8.84 -5.53 1.88
N TRP A 7 -7.67 -6.12 1.70
CA TRP A 7 -6.46 -5.37 1.44
C TRP A 7 -6.22 -5.20 -0.05
N GLU A 8 -5.57 -4.10 -0.41
CA GLU A 8 -5.36 -3.80 -1.83
C GLU A 8 -3.92 -3.36 -2.10
N ILE A 9 -3.12 -4.24 -2.67
CA ILE A 9 -1.68 -3.97 -2.82
C ILE A 9 -1.35 -3.26 -4.13
N ARG A 10 -0.64 -2.13 -4.04
CA ARG A 10 -0.16 -1.44 -5.22
C ARG A 10 1.24 -0.88 -5.02
N ASN A 11 2.05 -0.98 -6.06
CA ASN A 11 3.43 -0.50 -6.05
C ASN A 11 3.57 0.71 -6.97
N THR A 12 4.22 1.77 -6.52
CA THR A 12 4.47 2.92 -7.37
C THR A 12 5.81 2.75 -8.09
N ALA A 13 5.92 3.32 -9.29
CA ALA A 13 7.13 3.19 -10.10
C ALA A 13 8.34 3.77 -9.38
N THR A 14 8.07 4.59 -8.37
CA THR A 14 9.10 5.13 -7.51
C THR A 14 9.78 4.03 -6.69
N GLY A 15 9.15 2.86 -6.65
CA GLY A 15 9.69 1.73 -5.92
C GLY A 15 9.20 1.68 -4.49
N ARG A 16 7.88 1.76 -4.32
CA ARG A 16 7.28 1.80 -2.99
C ARG A 16 5.95 1.06 -2.96
N VAL A 17 5.73 0.20 -1.96
CA VAL A 17 4.55 -0.66 -1.94
C VAL A 17 3.53 -0.23 -0.86
N TYR A 18 2.63 0.65 -1.27
CA TYR A 18 1.52 1.12 -0.47
C TYR A 18 0.30 0.23 -0.68
N PHE A 19 -0.14 -0.41 0.38
CA PHE A 19 -1.36 -1.18 0.35
C PHE A 19 -2.51 -0.30 0.79
N VAL A 20 -3.47 -0.07 -0.07
CA VAL A 20 -4.61 0.73 0.31
C VAL A 20 -5.69 -0.17 0.92
N ASP A 21 -6.09 0.12 2.15
CA ASP A 21 -7.08 -0.68 2.82
C ASP A 21 -8.43 -0.09 2.49
N HIS A 22 -9.32 -0.88 1.89
CA HIS A 22 -10.65 -0.38 1.55
C HIS A 22 -11.50 -0.22 2.80
N ASN A 23 -11.05 -0.83 3.90
CA ASN A 23 -11.76 -0.76 5.17
C ASN A 23 -11.58 0.61 5.82
N ASN A 24 -10.33 1.03 5.98
CA ASN A 24 -10.04 2.29 6.64
C ASN A 24 -9.89 3.42 5.61
N ARG A 25 -9.74 3.03 4.35
CA ARG A 25 -9.54 3.97 3.25
C ARG A 25 -8.22 4.70 3.40
N THR A 26 -7.16 3.93 3.68
CA THR A 26 -5.84 4.50 3.91
C THR A 26 -4.80 3.78 3.03
N THR A 27 -3.75 4.49 2.63
CA THR A 27 -2.69 3.87 1.85
C THR A 27 -1.50 3.54 2.74
N GLN A 28 -0.91 2.35 2.55
CA GLN A 28 0.03 1.82 3.52
C GLN A 28 1.40 1.52 2.92
N PHE A 29 2.33 2.47 3.07
CA PHE A 29 3.77 2.15 3.00
C PHE A 29 4.12 1.39 4.23
N THR A 30 3.15 1.38 5.09
CA THR A 30 3.19 0.58 6.29
C THR A 30 2.72 -0.80 5.87
N ASP A 31 3.66 -1.63 5.44
CA ASP A 31 3.32 -2.76 4.61
C ASP A 31 3.73 -4.06 5.18
N PRO A 32 2.96 -5.06 4.81
CA PRO A 32 3.25 -6.45 5.07
C PRO A 32 4.50 -6.84 4.28
N ARG A 33 4.85 -5.97 3.32
CA ARG A 33 6.08 -6.09 2.54
C ARG A 33 7.33 -5.92 3.42
N LEU A 34 7.17 -5.23 4.54
CA LEU A 34 8.25 -5.05 5.49
C LEU A 34 8.39 -6.30 6.37
N SER A 35 7.42 -7.19 6.27
CA SER A 35 7.45 -8.45 7.02
C SER A 35 7.90 -9.58 6.09
N ALA A 36 7.97 -9.28 4.81
CA ALA A 36 8.36 -10.27 3.81
C ALA A 36 9.84 -10.20 3.52
N ASN A 37 10.45 -9.05 3.78
CA ASN A 37 11.85 -8.84 3.48
C ASN A 37 12.73 -9.15 4.68
N GLU B 1 5.36 6.95 9.53
CA GLU B 1 5.96 6.12 8.47
C GLU B 1 7.38 6.59 8.17
N LEU B 2 8.29 5.63 8.02
CA LEU B 2 9.68 5.94 7.74
C LEU B 2 9.87 6.26 6.25
N GLU B 3 8.83 6.00 5.47
CA GLU B 3 8.88 6.20 4.03
C GLU B 3 8.20 7.50 3.64
N SER B 4 8.54 8.00 2.45
CA SER B 4 7.94 9.20 1.90
C SER B 4 6.43 9.15 1.84
N PRO B 5 5.85 10.34 1.85
CA PRO B 5 4.41 10.56 1.76
C PRO B 5 3.79 9.76 0.62
N PRO B 6 2.81 8.89 0.93
CA PRO B 6 2.22 7.98 -0.05
C PRO B 6 1.12 8.62 -0.89
N PRO B 7 0.75 7.93 -1.98
CA PRO B 7 -0.35 8.33 -2.88
C PRO B 7 -1.64 8.66 -2.13
N PRO B 8 -2.32 9.75 -2.51
CA PRO B 8 -3.66 10.06 -1.98
C PRO B 8 -4.60 8.89 -2.20
N TYR B 9 -5.45 8.59 -1.23
CA TYR B 9 -6.24 7.36 -1.27
C TYR B 9 -7.18 7.31 -2.47
N SER B 10 -6.72 6.61 -3.49
CA SER B 10 -7.56 6.16 -4.57
C SER B 10 -7.63 4.64 -4.42
N ARG B 11 -8.73 4.02 -4.85
CA ARG B 11 -8.84 2.58 -4.70
C ARG B 11 -7.70 1.92 -5.46
N TYR B 12 -7.57 2.29 -6.72
CA TYR B 12 -6.51 1.77 -7.57
C TYR B 12 -5.63 2.90 -8.09
N PRO B 13 -4.72 3.38 -7.23
CA PRO B 13 -3.79 4.44 -7.59
C PRO B 13 -2.63 3.93 -8.43
N MET B 14 -2.44 4.51 -9.60
CA MET B 14 -1.39 4.08 -10.49
C MET B 14 -0.42 5.23 -10.76
N ASP B 15 0.87 4.94 -10.59
CA ASP B 15 1.92 5.93 -10.79
C ASP B 15 3.26 5.22 -10.93
N GLY A 1 2.07 -15.44 2.52
CA GLY A 1 0.60 -15.30 2.64
C GLY A 1 -0.01 -14.62 1.44
N PRO A 2 -1.18 -15.09 0.96
CA PRO A 2 -1.89 -14.46 -0.14
C PRO A 2 -2.46 -13.11 0.26
N LEU A 3 -2.71 -12.25 -0.74
CA LEU A 3 -3.27 -10.94 -0.48
C LEU A 3 -4.63 -11.05 0.20
N PRO A 4 -4.80 -10.43 1.37
CA PRO A 4 -6.08 -10.45 2.09
C PRO A 4 -7.16 -9.71 1.32
N PRO A 5 -8.39 -10.24 1.28
CA PRO A 5 -9.48 -9.68 0.47
C PRO A 5 -9.90 -8.26 0.88
N GLY A 6 -9.50 -7.84 2.08
CA GLY A 6 -9.79 -6.48 2.51
C GLY A 6 -8.68 -5.52 2.16
N TRP A 7 -7.53 -6.10 1.82
CA TRP A 7 -6.33 -5.33 1.52
C TRP A 7 -6.20 -5.09 0.03
N GLU A 8 -5.57 -3.98 -0.33
CA GLU A 8 -5.41 -3.64 -1.75
C GLU A 8 -3.95 -3.29 -2.06
N ILE A 9 -3.29 -4.12 -2.85
CA ILE A 9 -1.84 -4.00 -3.04
C ILE A 9 -1.47 -3.23 -4.31
N ARG A 10 -0.57 -2.26 -4.18
CA ARG A 10 0.01 -1.59 -5.34
C ARG A 10 1.46 -1.19 -5.11
N ASN A 11 2.23 -1.27 -6.20
CA ASN A 11 3.65 -0.94 -6.18
C ASN A 11 3.89 0.43 -6.84
N THR A 12 4.68 1.30 -6.20
CA THR A 12 5.05 2.56 -6.81
C THR A 12 6.43 2.43 -7.46
N ALA A 13 6.65 3.15 -8.55
CA ALA A 13 7.88 3.03 -9.34
C ALA A 13 9.13 3.37 -8.53
N THR A 14 8.95 4.06 -7.41
CA THR A 14 10.05 4.37 -6.50
C THR A 14 10.60 3.11 -5.85
N GLY A 15 9.84 2.02 -5.95
CA GLY A 15 10.26 0.75 -5.39
C GLY A 15 9.69 0.51 -4.01
N ARG A 16 8.44 0.92 -3.79
CA ARG A 16 7.80 0.78 -2.50
C ARG A 16 6.37 0.29 -2.70
N VAL A 17 5.84 -0.46 -1.73
CA VAL A 17 4.53 -1.05 -1.91
C VAL A 17 3.51 -0.50 -0.91
N TYR A 18 2.68 0.42 -1.38
CA TYR A 18 1.61 0.99 -0.62
C TYR A 18 0.34 0.17 -0.81
N PHE A 19 -0.08 -0.46 0.26
CA PHE A 19 -1.34 -1.17 0.27
C PHE A 19 -2.41 -0.24 0.77
N VAL A 20 -3.41 0.02 -0.04
CA VAL A 20 -4.49 0.85 0.39
C VAL A 20 -5.55 -0.03 1.06
N ASP A 21 -5.90 0.27 2.31
CA ASP A 21 -6.89 -0.52 3.00
C ASP A 21 -8.23 0.09 2.72
N HIS A 22 -9.15 -0.69 2.17
CA HIS A 22 -10.50 -0.21 1.95
C HIS A 22 -11.24 -0.16 3.29
N ASN A 23 -10.66 -0.82 4.29
CA ASN A 23 -11.21 -0.80 5.64
C ASN A 23 -11.03 0.57 6.27
N ASN A 24 -9.79 1.06 6.28
CA ASN A 24 -9.47 2.32 6.95
C ASN A 24 -9.45 3.47 5.96
N ARG A 25 -9.41 3.13 4.67
CA ARG A 25 -9.31 4.13 3.59
C ARG A 25 -7.98 4.86 3.66
N THR A 26 -6.91 4.11 3.89
CA THR A 26 -5.59 4.69 4.03
C THR A 26 -4.58 3.95 3.15
N THR A 27 -3.55 4.64 2.66
CA THR A 27 -2.51 3.99 1.88
C THR A 27 -1.31 3.63 2.78
N GLN A 28 -0.79 2.42 2.62
CA GLN A 28 0.17 1.87 3.55
C GLN A 28 1.50 1.56 2.87
N PHE A 29 2.46 2.46 2.99
CA PHE A 29 3.85 2.13 2.63
C PHE A 29 4.42 1.23 3.68
N THR A 30 3.65 1.11 4.72
CA THR A 30 3.96 0.21 5.80
C THR A 30 3.40 -1.15 5.40
N ASP A 31 4.21 -1.92 4.72
CA ASP A 31 3.70 -3.03 3.96
C ASP A 31 4.07 -4.36 4.54
N PRO A 32 3.17 -5.29 4.27
CA PRO A 32 3.41 -6.69 4.51
C PRO A 32 4.56 -7.14 3.59
N ARG A 33 4.87 -6.27 2.62
CA ARG A 33 6.03 -6.41 1.75
C ARG A 33 7.33 -6.25 2.56
N LEU A 34 7.36 -5.27 3.46
CA LEU A 34 8.52 -5.08 4.34
C LEU A 34 8.59 -6.19 5.38
N SER A 35 7.50 -6.93 5.52
CA SER A 35 7.48 -8.08 6.41
C SER A 35 8.15 -9.27 5.74
N ALA A 36 8.39 -9.14 4.44
CA ALA A 36 9.10 -10.17 3.69
C ALA A 36 10.50 -9.68 3.33
N ASN A 37 10.58 -8.41 2.92
CA ASN A 37 11.85 -7.77 2.58
C ASN A 37 12.47 -8.39 1.34
N GLU B 1 2.91 8.23 7.11
CA GLU B 1 3.87 7.16 7.43
C GLU B 1 5.22 7.74 7.82
N LEU B 2 6.12 6.87 8.31
CA LEU B 2 7.46 7.30 8.67
C LEU B 2 8.26 7.59 7.40
N GLU B 3 7.85 6.93 6.32
CA GLU B 3 8.43 7.20 5.01
C GLU B 3 7.67 8.34 4.35
N SER B 4 8.27 8.93 3.31
CA SER B 4 7.67 10.02 2.56
C SER B 4 6.24 9.73 2.14
N PRO B 5 5.51 10.82 1.90
CA PRO B 5 4.08 10.80 1.62
C PRO B 5 3.71 9.87 0.47
N PRO B 6 2.87 8.86 0.73
CA PRO B 6 2.43 7.90 -0.27
C PRO B 6 1.30 8.45 -1.13
N PRO B 7 0.99 7.75 -2.25
CA PRO B 7 -0.08 8.14 -3.18
C PRO B 7 -1.41 8.44 -2.47
N PRO B 8 -2.08 9.54 -2.87
CA PRO B 8 -3.41 9.92 -2.35
C PRO B 8 -4.40 8.77 -2.45
N TYR B 9 -5.38 8.73 -1.55
CA TYR B 9 -6.25 7.57 -1.47
C TYR B 9 -7.31 7.55 -2.55
N SER B 10 -6.96 6.94 -3.65
CA SER B 10 -7.90 6.45 -4.63
C SER B 10 -7.89 4.94 -4.49
N ARG B 11 -8.98 4.26 -4.78
CA ARG B 11 -9.04 2.83 -4.48
C ARG B 11 -7.94 2.12 -5.25
N TYR B 12 -7.82 2.46 -6.52
CA TYR B 12 -6.74 1.97 -7.35
C TYR B 12 -5.92 3.13 -7.89
N PRO B 13 -4.90 3.53 -7.13
CA PRO B 13 -4.04 4.65 -7.47
C PRO B 13 -2.98 4.26 -8.50
N MET B 14 -3.08 4.81 -9.70
CA MET B 14 -2.11 4.52 -10.75
C MET B 14 -0.76 5.14 -10.43
N ASP B 15 0.14 4.29 -9.95
CA ASP B 15 1.48 4.70 -9.51
C ASP B 15 1.38 5.76 -8.42
N GLY A 1 -0.43 -15.98 3.63
CA GLY A 1 -1.09 -16.18 2.32
C GLY A 1 -0.66 -15.11 1.32
N PRO A 2 -1.32 -15.04 0.16
CA PRO A 2 -0.99 -14.06 -0.87
C PRO A 2 -1.49 -12.65 -0.51
N LEU A 3 -2.68 -12.30 -0.98
CA LEU A 3 -3.28 -11.01 -0.68
C LEU A 3 -4.61 -11.19 0.05
N PRO A 4 -4.80 -10.52 1.19
CA PRO A 4 -6.07 -10.56 1.91
C PRO A 4 -7.15 -9.77 1.17
N PRO A 5 -8.38 -10.31 1.09
CA PRO A 5 -9.48 -9.69 0.33
C PRO A 5 -9.90 -8.32 0.90
N GLY A 6 -9.42 -8.01 2.08
CA GLY A 6 -9.69 -6.72 2.68
C GLY A 6 -8.65 -5.68 2.32
N TRP A 7 -7.53 -6.17 1.80
CA TRP A 7 -6.38 -5.34 1.50
C TRP A 7 -6.28 -5.02 0.02
N GLU A 8 -5.72 -3.86 -0.30
CA GLU A 8 -5.56 -3.48 -1.70
C GLU A 8 -4.08 -3.17 -1.99
N ILE A 9 -3.48 -3.92 -2.91
CA ILE A 9 -2.03 -3.85 -3.08
C ILE A 9 -1.60 -3.14 -4.38
N ARG A 10 -0.74 -2.13 -4.24
CA ARG A 10 -0.06 -1.52 -5.39
C ARG A 10 1.33 -1.02 -4.99
N ASN A 11 2.25 -1.03 -5.95
CA ASN A 11 3.62 -0.60 -5.73
C ASN A 11 3.93 0.64 -6.58
N THR A 12 4.67 1.60 -6.03
CA THR A 12 5.06 2.78 -6.79
C THR A 12 6.39 2.53 -7.51
N ALA A 13 6.53 3.07 -8.71
CA ALA A 13 7.71 2.88 -9.54
C ALA A 13 8.98 3.37 -8.86
N THR A 14 8.83 4.25 -7.86
CA THR A 14 9.96 4.74 -7.09
C THR A 14 10.57 3.62 -6.24
N GLY A 15 9.83 2.53 -6.09
CA GLY A 15 10.30 1.40 -5.30
C GLY A 15 9.74 1.40 -3.89
N ARG A 16 8.48 1.80 -3.75
CA ARG A 16 7.84 1.85 -2.44
C ARG A 16 6.47 1.20 -2.53
N VAL A 17 6.15 0.30 -1.60
CA VAL A 17 4.87 -0.39 -1.67
C VAL A 17 3.86 0.21 -0.68
N TYR A 18 2.65 0.43 -1.17
CA TYR A 18 1.59 1.12 -0.47
C TYR A 18 0.32 0.31 -0.66
N PHE A 19 -0.15 -0.28 0.40
CA PHE A 19 -1.39 -1.02 0.37
C PHE A 19 -2.49 -0.12 0.85
N VAL A 20 -3.47 0.13 0.02
CA VAL A 20 -4.56 0.97 0.43
C VAL A 20 -5.65 0.09 1.08
N ASP A 21 -6.01 0.41 2.32
CA ASP A 21 -7.00 -0.37 3.02
C ASP A 21 -8.35 0.24 2.73
N HIS A 22 -9.28 -0.55 2.20
CA HIS A 22 -10.66 -0.10 2.05
C HIS A 22 -11.32 -0.03 3.42
N ASN A 23 -10.67 -0.67 4.39
CA ASN A 23 -11.13 -0.67 5.77
C ASN A 23 -11.02 0.72 6.38
N ASN A 24 -9.80 1.23 6.44
CA ASN A 24 -9.51 2.51 7.08
C ASN A 24 -9.54 3.64 6.05
N ARG A 25 -9.48 3.26 4.77
CA ARG A 25 -9.37 4.21 3.66
C ARG A 25 -8.05 4.96 3.74
N THR A 26 -6.99 4.20 3.95
CA THR A 26 -5.65 4.76 4.09
C THR A 26 -4.66 4.04 3.18
N THR A 27 -3.63 4.74 2.73
CA THR A 27 -2.57 4.09 1.95
C THR A 27 -1.43 3.69 2.89
N GLN A 28 -0.87 2.52 2.67
CA GLN A 28 0.08 1.96 3.62
C GLN A 28 1.43 1.65 2.99
N PHE A 29 2.39 2.56 3.16
CA PHE A 29 3.80 2.24 2.92
C PHE A 29 4.26 1.29 3.99
N THR A 30 3.39 1.16 4.95
CA THR A 30 3.58 0.25 6.05
C THR A 30 3.08 -1.09 5.56
N ASP A 31 3.96 -1.85 4.96
CA ASP A 31 3.54 -2.93 4.12
C ASP A 31 3.91 -4.26 4.67
N PRO A 32 3.07 -5.21 4.30
CA PRO A 32 3.33 -6.61 4.49
C PRO A 32 4.52 -6.99 3.60
N ARG A 33 4.82 -6.06 2.66
CA ARG A 33 6.00 -6.16 1.79
C ARG A 33 7.30 -6.06 2.59
N LEU A 34 7.31 -5.29 3.67
CA LEU A 34 8.48 -5.16 4.52
C LEU A 34 8.81 -6.47 5.23
N SER A 35 7.81 -7.35 5.31
CA SER A 35 7.95 -8.63 5.99
C SER A 35 8.84 -9.58 5.18
N ALA A 36 9.16 -9.19 3.94
CA ALA A 36 10.00 -10.01 3.05
C ALA A 36 11.38 -10.22 3.63
N ASN A 37 11.86 -9.26 4.42
CA ASN A 37 13.18 -9.36 5.02
C ASN A 37 13.20 -8.65 6.37
N GLU B 1 2.32 8.21 7.50
CA GLU B 1 3.41 7.26 7.18
C GLU B 1 4.74 7.76 7.74
N LEU B 2 5.57 6.82 8.21
CA LEU B 2 6.88 7.14 8.75
C LEU B 2 7.90 7.22 7.61
N GLU B 3 7.51 6.62 6.49
CA GLU B 3 8.28 6.70 5.25
C GLU B 3 7.84 7.95 4.48
N SER B 4 8.49 8.21 3.35
CA SER B 4 8.12 9.30 2.46
C SER B 4 6.63 9.31 2.14
N PRO B 5 6.16 10.52 1.86
CA PRO B 5 4.76 10.82 1.55
C PRO B 5 4.18 9.88 0.49
N PRO B 6 3.12 9.14 0.85
CA PRO B 6 2.51 8.16 -0.03
C PRO B 6 1.39 8.73 -0.90
N PRO B 7 0.99 7.96 -1.94
CA PRO B 7 -0.08 8.34 -2.87
C PRO B 7 -1.39 8.67 -2.17
N PRO B 8 -2.10 9.74 -2.62
CA PRO B 8 -3.43 10.08 -2.12
C PRO B 8 -4.39 8.90 -2.25
N TYR B 9 -5.33 8.76 -1.31
CA TYR B 9 -6.16 7.57 -1.27
C TYR B 9 -7.16 7.49 -2.41
N SER B 10 -6.72 6.89 -3.50
CA SER B 10 -7.60 6.40 -4.53
C SER B 10 -7.66 4.89 -4.35
N ARG B 11 -8.77 4.24 -4.68
CA ARG B 11 -8.88 2.81 -4.44
C ARG B 11 -7.78 2.10 -5.21
N TYR B 12 -7.74 2.35 -6.50
CA TYR B 12 -6.71 1.81 -7.37
C TYR B 12 -5.93 2.94 -8.01
N PRO B 13 -4.79 3.26 -7.42
CA PRO B 13 -3.93 4.33 -7.88
C PRO B 13 -3.10 3.88 -9.09
N MET B 14 -3.32 4.53 -10.22
CA MET B 14 -2.68 4.10 -11.45
C MET B 14 -1.22 4.54 -11.50
N ASP B 15 -0.33 3.61 -11.16
CA ASP B 15 1.10 3.84 -11.21
C ASP B 15 1.80 2.51 -11.39
N GLY A 1 2.63 -15.41 -0.75
CA GLY A 1 2.21 -14.05 -0.36
C GLY A 1 0.71 -13.95 -0.21
N PRO A 2 0.18 -14.13 1.02
CA PRO A 2 -1.25 -14.08 1.30
C PRO A 2 -1.82 -12.67 1.17
N LEU A 3 -2.84 -12.47 0.34
CA LEU A 3 -3.47 -11.16 0.22
C LEU A 3 -4.89 -11.21 0.79
N PRO A 4 -5.14 -10.47 1.88
CA PRO A 4 -6.46 -10.41 2.50
C PRO A 4 -7.46 -9.65 1.63
N PRO A 5 -8.71 -10.13 1.51
CA PRO A 5 -9.73 -9.54 0.62
C PRO A 5 -10.10 -8.10 1.00
N GLY A 6 -9.85 -7.71 2.24
CA GLY A 6 -10.11 -6.36 2.67
C GLY A 6 -8.95 -5.44 2.33
N TRP A 7 -7.83 -6.05 2.00
CA TRP A 7 -6.59 -5.34 1.72
C TRP A 7 -6.39 -5.16 0.23
N GLU A 8 -5.71 -4.08 -0.15
CA GLU A 8 -5.46 -3.83 -1.57
C GLU A 8 -3.99 -3.46 -1.80
N ILE A 9 -3.27 -4.29 -2.54
CA ILE A 9 -1.83 -4.10 -2.72
C ILE A 9 -1.51 -3.42 -4.06
N ARG A 10 -0.80 -2.29 -4.00
CA ARG A 10 -0.34 -1.62 -5.21
C ARG A 10 1.09 -1.10 -5.02
N ASN A 11 1.89 -1.19 -6.08
CA ASN A 11 3.27 -0.74 -6.05
C ASN A 11 3.43 0.49 -6.95
N THR A 12 4.25 1.45 -6.54
CA THR A 12 4.52 2.62 -7.35
C THR A 12 5.86 2.47 -8.07
N ALA A 13 5.94 3.01 -9.29
CA ALA A 13 7.13 2.91 -10.12
C ALA A 13 8.36 3.56 -9.47
N THR A 14 8.13 4.36 -8.43
CA THR A 14 9.22 4.93 -7.65
C THR A 14 9.94 3.85 -6.85
N GLY A 15 9.32 2.69 -6.72
CA GLY A 15 9.91 1.59 -5.99
C GLY A 15 9.44 1.54 -4.55
N ARG A 16 8.14 1.76 -4.36
CA ARG A 16 7.57 1.77 -3.01
C ARG A 16 6.23 1.05 -3.01
N VAL A 17 5.99 0.21 -2.00
CA VAL A 17 4.73 -0.51 -1.91
C VAL A 17 3.84 0.08 -0.83
N TYR A 18 2.57 0.24 -1.16
CA TYR A 18 1.59 0.93 -0.36
C TYR A 18 0.28 0.18 -0.52
N PHE A 19 -0.19 -0.40 0.56
CA PHE A 19 -1.44 -1.14 0.52
C PHE A 19 -2.57 -0.24 0.92
N VAL A 20 -3.52 -0.03 0.05
CA VAL A 20 -4.64 0.79 0.41
C VAL A 20 -5.72 -0.10 1.03
N ASP A 21 -6.11 0.18 2.26
CA ASP A 21 -7.11 -0.62 2.93
C ASP A 21 -8.45 -0.01 2.60
N HIS A 22 -9.35 -0.79 2.03
CA HIS A 22 -10.69 -0.32 1.71
C HIS A 22 -11.51 -0.16 2.99
N ASN A 23 -11.02 -0.76 4.07
CA ASN A 23 -11.68 -0.68 5.36
C ASN A 23 -11.36 0.64 6.05
N ASN A 24 -10.09 1.00 6.04
CA ASN A 24 -9.62 2.20 6.75
C ASN A 24 -9.53 3.40 5.81
N ARG A 25 -9.58 3.11 4.50
CA ARG A 25 -9.44 4.12 3.45
C ARG A 25 -8.08 4.80 3.54
N THR A 26 -7.05 4.01 3.78
CA THR A 26 -5.70 4.54 3.97
C THR A 26 -4.70 3.80 3.09
N THR A 27 -3.63 4.48 2.68
CA THR A 27 -2.57 3.83 1.92
C THR A 27 -1.41 3.47 2.85
N GLN A 28 -0.82 2.31 2.64
CA GLN A 28 0.12 1.75 3.60
C GLN A 28 1.50 1.49 2.99
N PHE A 29 2.40 2.46 3.10
CA PHE A 29 3.84 2.21 2.91
C PHE A 29 4.32 1.37 4.06
N THR A 30 3.42 1.25 5.00
CA THR A 30 3.65 0.45 6.18
C THR A 30 2.99 -0.89 5.86
N ASP A 31 3.76 -1.78 5.29
CA ASP A 31 3.22 -2.87 4.52
C ASP A 31 3.72 -4.20 4.95
N PRO A 32 2.85 -5.18 4.72
CA PRO A 32 3.17 -6.57 4.91
C PRO A 32 4.34 -6.94 3.98
N ARG A 33 4.60 -6.03 3.01
CA ARG A 33 5.80 -6.10 2.16
C ARG A 33 7.07 -5.83 2.97
N LEU A 34 7.05 -4.80 3.81
CA LEU A 34 8.20 -4.44 4.62
C LEU A 34 8.58 -5.61 5.54
N SER A 35 7.58 -6.22 6.14
CA SER A 35 7.79 -7.33 7.05
C SER A 35 8.21 -8.60 6.32
N ALA A 36 8.11 -8.58 5.00
CA ALA A 36 8.45 -9.74 4.19
C ALA A 36 9.88 -9.66 3.67
N ASN A 37 10.52 -8.49 3.84
CA ASN A 37 11.90 -8.31 3.41
C ASN A 37 12.85 -9.12 4.27
N GLU B 1 4.45 5.90 9.81
CA GLU B 1 5.25 5.47 8.64
C GLU B 1 6.54 6.27 8.56
N LEU B 2 7.66 5.57 8.51
CA LEU B 2 8.97 6.21 8.40
C LEU B 2 9.29 6.51 6.93
N GLU B 3 8.47 5.99 6.04
CA GLU B 3 8.68 6.16 4.61
C GLU B 3 8.03 7.45 4.12
N SER B 4 8.53 7.96 3.01
CA SER B 4 8.01 9.15 2.33
C SER B 4 6.50 9.12 2.15
N PRO B 5 5.95 10.32 2.05
CA PRO B 5 4.53 10.57 1.84
C PRO B 5 3.97 9.72 0.70
N PRO B 6 2.97 8.86 1.00
CA PRO B 6 2.40 7.94 0.02
C PRO B 6 1.26 8.54 -0.82
N PRO B 7 0.90 7.83 -1.90
CA PRO B 7 -0.19 8.22 -2.81
C PRO B 7 -1.50 8.57 -2.10
N PRO B 8 -2.21 9.61 -2.58
CA PRO B 8 -3.56 9.93 -2.11
C PRO B 8 -4.49 8.74 -2.29
N TYR B 9 -5.47 8.58 -1.40
CA TYR B 9 -6.28 7.37 -1.39
C TYR B 9 -7.26 7.32 -2.56
N SER B 10 -6.79 6.74 -3.63
CA SER B 10 -7.63 6.25 -4.71
C SER B 10 -7.65 4.74 -4.59
N ARG B 11 -8.73 4.08 -5.00
CA ARG B 11 -8.81 2.64 -4.77
C ARG B 11 -7.65 1.96 -5.47
N TYR B 12 -7.48 2.26 -6.75
CA TYR B 12 -6.38 1.70 -7.53
C TYR B 12 -5.50 2.82 -8.09
N PRO B 13 -4.57 3.31 -7.28
CA PRO B 13 -3.60 4.33 -7.69
C PRO B 13 -2.55 3.77 -8.64
N MET B 14 -2.38 4.41 -9.79
CA MET B 14 -1.51 3.89 -10.83
C MET B 14 -0.42 4.89 -11.22
N ASP B 15 0.80 4.59 -10.83
CA ASP B 15 1.96 5.36 -11.27
C ASP B 15 3.20 4.48 -11.25
N GLY A 1 -6.18 -17.31 -0.53
CA GLY A 1 -5.46 -16.21 -1.21
C GLY A 1 -4.22 -15.78 -0.45
N PRO A 2 -3.15 -15.39 -1.16
CA PRO A 2 -1.89 -14.97 -0.54
C PRO A 2 -1.94 -13.53 -0.04
N LEU A 3 -2.98 -12.82 -0.45
CA LEU A 3 -3.19 -11.44 -0.07
C LEU A 3 -4.52 -11.34 0.68
N PRO A 4 -4.60 -10.50 1.72
CA PRO A 4 -5.88 -10.32 2.44
C PRO A 4 -6.92 -9.66 1.55
N PRO A 5 -8.13 -10.24 1.45
CA PRO A 5 -9.18 -9.76 0.53
C PRO A 5 -9.70 -8.35 0.86
N GLY A 6 -9.34 -7.84 2.03
CA GLY A 6 -9.68 -6.48 2.39
C GLY A 6 -8.58 -5.50 2.02
N TRP A 7 -7.41 -6.05 1.75
CA TRP A 7 -6.21 -5.28 1.48
C TRP A 7 -6.00 -5.10 -0.02
N GLU A 8 -5.38 -3.99 -0.38
CA GLU A 8 -5.16 -3.69 -1.80
C GLU A 8 -3.70 -3.34 -2.07
N ILE A 9 -2.99 -4.20 -2.80
CA ILE A 9 -1.55 -4.05 -2.97
C ILE A 9 -1.19 -3.37 -4.29
N ARG A 10 -0.50 -2.24 -4.22
CA ARG A 10 -0.01 -1.57 -5.41
C ARG A 10 1.39 -1.01 -5.20
N ASN A 11 2.22 -1.12 -6.21
CA ASN A 11 3.59 -0.66 -6.14
C ASN A 11 3.76 0.61 -6.99
N THR A 12 4.46 1.61 -6.47
CA THR A 12 4.74 2.82 -7.22
C THR A 12 6.04 2.66 -7.99
N ALA A 13 6.11 3.25 -9.18
CA ALA A 13 7.29 3.11 -10.06
C ALA A 13 8.57 3.61 -9.38
N THR A 14 8.40 4.37 -8.32
CA THR A 14 9.51 4.83 -7.50
C THR A 14 10.16 3.66 -6.74
N GLY A 15 9.43 2.55 -6.63
CA GLY A 15 9.95 1.35 -6.00
C GLY A 15 9.48 1.19 -4.56
N ARG A 16 8.19 1.41 -4.33
CA ARG A 16 7.64 1.31 -2.97
C ARG A 16 6.22 0.75 -3.02
N VAL A 17 5.85 -0.08 -2.05
CA VAL A 17 4.57 -0.78 -2.12
C VAL A 17 3.56 -0.27 -1.09
N TYR A 18 2.69 0.63 -1.53
CA TYR A 18 1.63 1.17 -0.73
C TYR A 18 0.38 0.30 -0.88
N PHE A 19 0.00 -0.32 0.20
CA PHE A 19 -1.23 -1.08 0.24
C PHE A 19 -2.36 -0.17 0.67
N VAL A 20 -3.33 0.04 -0.17
CA VAL A 20 -4.44 0.85 0.22
C VAL A 20 -5.51 -0.05 0.85
N ASP A 21 -5.86 0.22 2.10
CA ASP A 21 -6.84 -0.61 2.77
C ASP A 21 -8.19 -0.03 2.50
N HIS A 22 -9.08 -0.82 1.91
CA HIS A 22 -10.46 -0.38 1.72
C HIS A 22 -11.16 -0.34 3.07
N ASN A 23 -10.52 -0.98 4.05
CA ASN A 23 -11.00 -0.99 5.42
C ASN A 23 -10.96 0.40 6.04
N ASN A 24 -9.76 0.93 6.18
CA ASN A 24 -9.55 2.21 6.87
C ASN A 24 -9.53 3.36 5.87
N ARG A 25 -9.38 3.02 4.58
CA ARG A 25 -9.33 4.01 3.50
C ARG A 25 -8.01 4.77 3.55
N THR A 26 -6.94 4.01 3.75
CA THR A 26 -5.62 4.58 3.93
C THR A 26 -4.61 3.88 3.01
N THR A 27 -3.56 4.60 2.58
CA THR A 27 -2.52 3.97 1.79
C THR A 27 -1.31 3.65 2.68
N GLN A 28 -0.71 2.49 2.44
CA GLN A 28 0.29 1.96 3.36
C GLN A 28 1.63 1.68 2.69
N PHE A 29 2.56 2.63 2.77
CA PHE A 29 3.99 2.34 2.55
C PHE A 29 4.51 1.56 3.72
N THR A 30 3.65 1.51 4.69
CA THR A 30 3.88 0.69 5.86
C THR A 30 3.27 -0.67 5.52
N ASP A 31 4.09 -1.52 4.93
CA ASP A 31 3.60 -2.64 4.17
C ASP A 31 4.05 -3.95 4.70
N PRO A 32 3.21 -4.95 4.48
CA PRO A 32 3.53 -6.34 4.77
C PRO A 32 4.75 -6.75 3.95
N ARG A 33 5.07 -5.92 2.95
CA ARG A 33 6.30 -6.04 2.17
C ARG A 33 7.54 -5.76 3.03
N LEU A 34 7.44 -4.74 3.87
CA LEU A 34 8.53 -4.32 4.75
C LEU A 34 8.79 -5.35 5.85
N SER A 35 7.89 -6.32 5.97
CA SER A 35 8.04 -7.39 6.94
C SER A 35 9.27 -8.26 6.61
N ALA A 36 9.85 -8.03 5.43
CA ALA A 36 11.06 -8.72 5.03
C ALA A 36 12.28 -8.18 5.79
N ASN A 37 12.12 -7.01 6.39
CA ASN A 37 13.17 -6.39 7.18
C ASN A 37 12.54 -5.53 8.28
N GLU B 1 3.55 5.80 9.01
CA GLU B 1 4.69 5.18 8.27
C GLU B 1 5.89 6.12 8.28
N LEU B 2 7.07 5.55 8.57
CA LEU B 2 8.30 6.34 8.65
C LEU B 2 8.82 6.69 7.26
N GLU B 3 8.27 6.05 6.26
CA GLU B 3 8.63 6.30 4.88
C GLU B 3 7.88 7.51 4.36
N SER B 4 8.43 8.16 3.34
CA SER B 4 7.81 9.33 2.71
C SER B 4 6.35 9.09 2.36
N PRO B 5 5.60 10.20 2.44
CA PRO B 5 4.16 10.25 2.26
C PRO B 5 3.70 9.53 1.00
N PRO B 6 2.85 8.50 1.14
CA PRO B 6 2.40 7.68 0.03
C PRO B 6 1.27 8.34 -0.80
N PRO B 7 0.96 7.74 -1.96
CA PRO B 7 -0.10 8.21 -2.88
C PRO B 7 -1.42 8.50 -2.18
N PRO B 8 -2.09 9.62 -2.57
CA PRO B 8 -3.45 9.93 -2.09
C PRO B 8 -4.39 8.75 -2.28
N TYR B 9 -5.34 8.59 -1.37
CA TYR B 9 -6.15 7.38 -1.36
C TYR B 9 -7.16 7.34 -2.49
N SER B 10 -6.74 6.77 -3.59
CA SER B 10 -7.63 6.31 -4.62
C SER B 10 -7.75 4.81 -4.41
N ARG B 11 -8.89 4.21 -4.75
CA ARG B 11 -9.05 2.78 -4.51
C ARG B 11 -7.96 2.02 -5.26
N TYR B 12 -7.88 2.28 -6.55
CA TYR B 12 -6.88 1.67 -7.40
C TYR B 12 -6.04 2.76 -8.03
N PRO B 13 -5.01 3.19 -7.32
CA PRO B 13 -4.11 4.23 -7.79
C PRO B 13 -3.08 3.69 -8.78
N MET B 14 -3.05 4.27 -9.97
CA MET B 14 -2.07 3.89 -10.97
C MET B 14 -0.96 4.92 -11.02
N ASP B 15 0.21 4.54 -10.55
CA ASP B 15 1.34 5.46 -10.49
C ASP B 15 2.50 4.92 -11.32
N GLY A 1 -2.49 -15.08 -2.64
CA GLY A 1 -1.16 -15.24 -2.04
C GLY A 1 -1.10 -14.71 -0.62
N PRO A 2 0.04 -14.13 -0.21
CA PRO A 2 0.23 -13.60 1.15
C PRO A 2 -0.47 -12.26 1.36
N LEU A 3 -1.23 -11.82 0.37
CA LEU A 3 -1.97 -10.58 0.47
C LEU A 3 -3.23 -10.79 1.31
N PRO A 4 -3.43 -9.97 2.36
CA PRO A 4 -4.64 -10.03 3.18
C PRO A 4 -5.89 -9.62 2.39
N PRO A 5 -7.02 -10.33 2.59
CA PRO A 5 -8.23 -10.20 1.74
C PRO A 5 -8.85 -8.80 1.69
N GLY A 6 -8.79 -8.06 2.80
CA GLY A 6 -9.36 -6.72 2.85
C GLY A 6 -8.45 -5.69 2.24
N TRP A 7 -7.21 -6.10 2.04
CA TRP A 7 -6.12 -5.23 1.67
C TRP A 7 -5.96 -5.08 0.16
N GLU A 8 -5.46 -3.93 -0.27
CA GLU A 8 -5.32 -3.66 -1.71
C GLU A 8 -3.91 -3.22 -2.08
N ILE A 9 -3.11 -4.14 -2.62
CA ILE A 9 -1.67 -3.93 -2.78
C ILE A 9 -1.29 -3.27 -4.11
N ARG A 10 -0.49 -2.20 -4.04
CA ARG A 10 0.05 -1.56 -5.23
C ARG A 10 1.48 -1.05 -4.98
N ASN A 11 2.30 -1.09 -6.01
CA ASN A 11 3.69 -0.68 -5.90
C ASN A 11 3.91 0.61 -6.70
N THR A 12 4.64 1.58 -6.14
CA THR A 12 5.01 2.79 -6.87
C THR A 12 6.33 2.56 -7.59
N ALA A 13 6.48 3.20 -8.74
CA ALA A 13 7.68 3.02 -9.57
C ALA A 13 8.96 3.43 -8.84
N THR A 14 8.80 4.15 -7.74
CA THR A 14 9.92 4.57 -6.92
C THR A 14 10.49 3.38 -6.13
N GLY A 15 9.70 2.30 -6.07
CA GLY A 15 10.11 1.11 -5.36
C GLY A 15 9.54 1.04 -3.97
N ARG A 16 8.27 1.38 -3.83
CA ARG A 16 7.61 1.38 -2.52
C ARG A 16 6.22 0.78 -2.64
N VAL A 17 5.89 -0.16 -1.77
CA VAL A 17 4.62 -0.88 -1.89
C VAL A 17 3.59 -0.43 -0.84
N TYR A 18 2.72 0.47 -1.26
CA TYR A 18 1.56 0.92 -0.50
C TYR A 18 0.36 0.04 -0.82
N PHE A 19 -0.30 -0.50 0.17
CA PHE A 19 -1.61 -1.05 -0.08
C PHE A 19 -2.62 -0.07 0.47
N VAL A 20 -3.66 0.17 -0.27
CA VAL A 20 -4.73 0.97 0.24
C VAL A 20 -5.74 0.07 0.93
N ASP A 21 -6.09 0.39 2.16
CA ASP A 21 -7.01 -0.44 2.91
C ASP A 21 -8.40 0.07 2.62
N HIS A 22 -9.23 -0.76 2.01
CA HIS A 22 -10.60 -0.37 1.68
C HIS A 22 -11.45 -0.21 2.94
N ASN A 23 -10.94 -0.75 4.04
CA ASN A 23 -11.62 -0.67 5.33
C ASN A 23 -11.61 0.75 5.86
N ASN A 24 -10.42 1.26 6.17
CA ASN A 24 -10.27 2.58 6.77
C ASN A 24 -10.15 3.67 5.71
N ARG A 25 -9.90 3.25 4.47
CA ARG A 25 -9.69 4.17 3.35
C ARG A 25 -8.39 4.93 3.51
N THR A 26 -7.32 4.18 3.78
CA THR A 26 -6.00 4.77 4.01
C THR A 26 -4.95 4.06 3.16
N THR A 27 -3.89 4.75 2.76
CA THR A 27 -2.82 4.09 2.01
C THR A 27 -1.65 3.76 2.93
N GLN A 28 -1.04 2.60 2.72
CA GLN A 28 -0.01 2.10 3.63
C GLN A 28 1.32 1.85 2.93
N PHE A 29 2.26 2.78 3.05
CA PHE A 29 3.67 2.48 2.75
C PHE A 29 4.26 1.74 3.92
N THR A 30 3.49 1.72 4.95
CA THR A 30 3.86 1.08 6.20
C THR A 30 3.32 -0.34 6.14
N ASP A 31 4.14 -1.23 5.61
CA ASP A 31 3.60 -2.42 5.04
C ASP A 31 4.26 -3.70 5.49
N PRO A 32 3.40 -4.68 5.47
CA PRO A 32 3.66 -6.10 5.61
C PRO A 32 4.62 -6.62 4.52
N ARG A 33 4.83 -5.81 3.47
CA ARG A 33 5.88 -6.04 2.47
C ARG A 33 7.26 -6.06 3.11
N LEU A 34 7.43 -5.31 4.19
CA LEU A 34 8.72 -5.14 4.83
C LEU A 34 9.01 -6.33 5.76
N SER A 35 8.01 -7.16 5.99
CA SER A 35 8.15 -8.28 6.91
C SER A 35 8.04 -9.62 6.21
N ALA A 36 7.63 -9.60 4.94
CA ALA A 36 7.39 -10.84 4.21
C ALA A 36 8.66 -11.33 3.51
N ASN A 37 9.08 -10.62 2.48
CA ASN A 37 10.24 -11.03 1.68
C ASN A 37 10.71 -9.89 0.80
N GLU B 1 3.18 8.12 7.30
CA GLU B 1 4.14 7.04 6.99
C GLU B 1 5.56 7.47 7.34
N LEU B 2 6.39 6.50 7.71
CA LEU B 2 7.80 6.76 7.99
C LEU B 2 8.55 6.81 6.67
N GLU B 3 7.88 6.35 5.63
CA GLU B 3 8.38 6.43 4.27
C GLU B 3 7.82 7.70 3.61
N SER B 4 8.37 8.05 2.46
CA SER B 4 7.89 9.20 1.68
C SER B 4 6.38 9.19 1.48
N PRO B 5 5.86 10.39 1.33
CA PRO B 5 4.43 10.67 1.20
C PRO B 5 3.77 9.77 0.15
N PRO B 6 2.77 8.96 0.57
CA PRO B 6 2.17 7.96 -0.27
C PRO B 6 1.04 8.48 -1.16
N PRO B 7 0.72 7.71 -2.22
CA PRO B 7 -0.37 7.99 -3.14
C PRO B 7 -1.68 8.30 -2.41
N PRO B 8 -2.31 9.47 -2.70
CA PRO B 8 -3.62 9.82 -2.14
C PRO B 8 -4.63 8.71 -2.37
N TYR B 9 -5.50 8.48 -1.40
CA TYR B 9 -6.34 7.30 -1.39
C TYR B 9 -7.32 7.24 -2.57
N SER B 10 -6.88 6.56 -3.60
CA SER B 10 -7.74 6.10 -4.67
C SER B 10 -7.82 4.59 -4.51
N ARG B 11 -8.92 3.97 -4.91
CA ARG B 11 -9.05 2.54 -4.73
C ARG B 11 -7.93 1.84 -5.45
N TYR B 12 -7.81 2.13 -6.74
CA TYR B 12 -6.75 1.60 -7.56
C TYR B 12 -5.91 2.73 -8.14
N PRO B 13 -4.98 3.25 -7.35
CA PRO B 13 -4.13 4.37 -7.74
C PRO B 13 -2.91 3.94 -8.56
N MET B 14 -2.56 4.73 -9.56
CA MET B 14 -1.35 4.46 -10.34
C MET B 14 -0.40 5.64 -10.28
N ASP B 15 0.70 5.46 -9.58
CA ASP B 15 1.74 6.48 -9.47
C ASP B 15 3.00 6.03 -10.19
#